data_3WHI
#
_entry.id   3WHI
#
_cell.length_a   135.202
_cell.length_b   135.202
_cell.length_c   151.606
_cell.angle_alpha   90.00
_cell.angle_beta   90.00
_cell.angle_gamma   120.00
#
_symmetry.space_group_name_H-M   'P 65 2 2'
#
loop_
_entity.id
_entity.type
_entity.pdbx_description
1 polymer 'Subtilisin E'
2 non-polymer 'CALCIUM ION'
3 water water
#
_entity_poly.entity_id   1
_entity_poly.type   'polypeptide(L)'
_entity_poly.pdbx_seq_one_letter_code
;AGKSSTEKKYIVGFKQTMSAMSSAKKKDVISEKGGKVQKQFKYVNAAAATLDEKAVKELKKDPSVAYVEEDHIAHEYGKP
SWLGGGSTQPAQSVPYGISQIKAPALHSQGYTGSNVKVAVIDSGIDSSHPDLNVRGGASFVPSETNPYQDGSSHGTHVAG
TIAALNNSIGVLGVSPSASLYAVKVLDSTGSGQYSWIINGIEWAISNNMDVINMSLGGPTGSTALKTVVDKAVSSGIVVA
AAAGNEGSSGSTSTVGYPAKYPSTIAVGAVNSSNQRASFSSAGSELDVMAPGVSIQSTLPGGTYGAYNGTAMATPHVAGA
AALILSKHPTWTNAQVRDRLESTATYLGNSFYYGKGLINVQAAAQ
;
_entity_poly.pdbx_strand_id   A,B
#
# COMPACT_ATOMS: atom_id res chain seq x y z
N THR A 6 -31.67 -4.69 -26.49
CA THR A 6 -30.94 -3.38 -26.29
C THR A 6 -29.96 -3.36 -25.07
N GLU A 7 -30.35 -4.00 -23.97
CA GLU A 7 -29.67 -3.89 -22.67
C GLU A 7 -28.27 -4.55 -22.58
N LYS A 8 -27.29 -3.78 -22.06
CA LYS A 8 -25.94 -4.30 -21.70
C LYS A 8 -25.68 -4.23 -20.17
N LYS A 9 -24.64 -4.96 -19.73
CA LYS A 9 -24.28 -5.02 -18.31
C LYS A 9 -23.25 -3.94 -17.92
N TYR A 10 -23.57 -3.13 -16.92
CA TYR A 10 -22.68 -2.04 -16.56
C TYR A 10 -22.39 -2.03 -15.06
N ILE A 11 -21.37 -1.24 -14.73
CA ILE A 11 -21.13 -0.79 -13.39
C ILE A 11 -21.18 0.72 -13.41
N VAL A 12 -21.98 1.26 -12.50
CA VAL A 12 -22.21 2.71 -12.44
C VAL A 12 -21.54 3.24 -11.22
N GLY A 13 -20.52 4.08 -11.37
CA GLY A 13 -19.79 4.61 -10.24
C GLY A 13 -20.30 5.96 -9.85
N PHE A 14 -20.45 6.17 -8.55
CA PHE A 14 -21.04 7.41 -8.08
C PHE A 14 -20.01 8.35 -7.55
N LYS A 15 -20.23 9.65 -7.74
CA LYS A 15 -19.29 10.67 -7.29
C LYS A 15 -19.03 10.37 -5.83
N GLN A 16 -17.91 10.85 -5.28
CA GLN A 16 -17.60 10.46 -3.94
C GLN A 16 -18.47 11.39 -3.11
N THR A 17 -18.09 11.74 -1.90
CA THR A 17 -19.02 12.43 -1.02
C THR A 17 -20.08 13.21 -1.80
N MET A 18 -21.30 13.24 -1.27
CA MET A 18 -21.61 12.59 0.00
C MET A 18 -22.83 11.80 -0.41
N SER A 19 -23.76 12.54 -0.99
CA SER A 19 -24.69 12.03 -1.97
C SER A 19 -23.88 12.18 -3.25
N ALA A 20 -23.44 11.05 -3.80
CA ALA A 20 -23.93 9.77 -3.41
C ALA A 20 -23.29 8.97 -2.30
N MET A 21 -24.15 8.58 -1.40
CA MET A 21 -23.84 7.53 -0.44
C MET A 21 -25.07 6.82 0.09
N SER A 22 -26.23 7.48 0.01
CA SER A 22 -27.49 6.84 0.40
C SER A 22 -27.81 5.73 -0.57
N SER A 23 -28.25 4.60 -0.03
CA SER A 23 -28.67 3.48 -0.82
C SER A 23 -29.82 3.87 -1.78
N ALA A 24 -30.92 4.36 -1.21
CA ALA A 24 -32.17 4.61 -1.94
C ALA A 24 -31.99 5.58 -3.12
N LYS A 25 -31.30 6.70 -2.88
CA LYS A 25 -30.91 7.67 -3.91
C LYS A 25 -30.17 7.07 -5.12
N LYS A 26 -29.22 6.17 -4.84
CA LYS A 26 -28.47 5.44 -5.86
C LYS A 26 -29.37 4.54 -6.75
N LYS A 27 -30.29 3.80 -6.12
CA LYS A 27 -31.35 3.13 -6.88
C LYS A 27 -32.05 4.10 -7.84
N ASP A 28 -32.30 5.33 -7.38
CA ASP A 28 -33.14 6.27 -8.12
C ASP A 28 -32.45 6.78 -9.36
N VAL A 29 -31.23 7.29 -9.17
CA VAL A 29 -30.46 7.78 -10.29
C VAL A 29 -30.52 6.76 -11.42
N ILE A 30 -30.52 5.48 -11.08
CA ILE A 30 -30.50 4.42 -12.10
C ILE A 30 -31.93 4.06 -12.56
N SER A 31 -32.85 3.99 -11.59
CA SER A 31 -34.27 3.78 -11.92
C SER A 31 -34.83 4.82 -12.89
N GLU A 32 -34.54 6.07 -12.64
CA GLU A 32 -35.15 7.13 -13.37
C GLU A 32 -34.55 7.33 -14.73
N LYS A 33 -33.80 6.34 -15.16
CA LYS A 33 -33.35 6.23 -16.53
C LYS A 33 -33.76 4.83 -16.99
N GLY A 34 -34.75 4.27 -16.31
CA GLY A 34 -35.29 2.98 -16.68
C GLY A 34 -34.24 1.88 -16.61
N GLY A 35 -33.18 2.14 -15.81
CA GLY A 35 -32.14 1.18 -15.54
C GLY A 35 -32.59 0.21 -14.49
N LYS A 36 -31.97 -0.96 -14.44
CA LYS A 36 -32.24 -1.92 -13.39
C LYS A 36 -30.94 -2.28 -12.63
N VAL A 37 -31.03 -2.31 -11.31
CA VAL A 37 -29.88 -2.47 -10.43
C VAL A 37 -29.86 -3.86 -9.80
N GLN A 38 -28.82 -4.64 -10.01
CA GLN A 38 -28.74 -5.99 -9.48
C GLN A 38 -27.93 -6.09 -8.21
N LYS A 39 -27.11 -5.10 -7.93
CA LYS A 39 -26.26 -5.05 -6.72
C LYS A 39 -25.65 -3.68 -6.57
N GLN A 40 -25.74 -3.14 -5.35
CA GLN A 40 -24.93 -1.98 -4.89
C GLN A 40 -23.81 -2.54 -4.03
N PHE A 41 -22.57 -2.23 -4.40
CA PHE A 41 -21.42 -2.76 -3.66
C PHE A 41 -21.33 -2.13 -2.27
N LYS A 42 -20.69 -2.85 -1.35
CA LYS A 42 -20.48 -2.41 0.05
C LYS A 42 -19.23 -1.55 0.23
N TYR A 43 -18.22 -1.79 -0.59
CA TYR A 43 -16.98 -1.12 -0.39
C TYR A 43 -16.63 -0.29 -1.58
N VAL A 44 -17.43 -0.35 -2.62
CA VAL A 44 -17.20 0.47 -3.75
C VAL A 44 -18.47 1.34 -3.88
N ASN A 45 -18.30 2.65 -4.09
CA ASN A 45 -19.45 3.55 -4.26
C ASN A 45 -20.04 3.40 -5.69
N ALA A 46 -20.67 2.27 -5.93
CA ALA A 46 -21.12 1.93 -7.27
C ALA A 46 -22.15 0.82 -7.24
N ALA A 47 -22.79 0.60 -8.38
CA ALA A 47 -23.80 -0.43 -8.56
C ALA A 47 -23.64 -1.17 -9.91
N ALA A 48 -23.93 -2.46 -9.88
CA ALA A 48 -23.93 -3.26 -11.11
C ALA A 48 -25.31 -3.07 -11.69
N ALA A 49 -25.38 -2.60 -12.94
CA ALA A 49 -26.70 -2.37 -13.53
C ALA A 49 -26.91 -2.91 -14.93
N THR A 50 -28.15 -3.26 -15.26
CA THR A 50 -28.48 -3.47 -16.67
C THR A 50 -29.14 -2.22 -17.22
N LEU A 51 -28.69 -1.86 -18.41
CA LEU A 51 -28.99 -0.58 -19.02
C LEU A 51 -29.03 -0.75 -20.54
N ASP A 52 -29.86 0.05 -21.21
CA ASP A 52 -29.74 0.18 -22.67
C ASP A 52 -28.88 1.37 -23.08
N GLU A 53 -28.83 1.57 -24.38
CA GLU A 53 -27.98 2.51 -25.04
C GLU A 53 -28.19 3.96 -24.61
N LYS A 54 -29.43 4.37 -24.35
CA LYS A 54 -29.76 5.81 -24.30
C LYS A 54 -29.75 6.35 -22.87
N ALA A 55 -30.00 5.42 -21.96
CA ALA A 55 -29.90 5.67 -20.55
C ALA A 55 -28.44 6.00 -20.26
N VAL A 56 -27.53 5.32 -20.97
CA VAL A 56 -26.11 5.51 -20.69
C VAL A 56 -25.72 6.98 -20.83
N LYS A 57 -26.03 7.58 -21.99
CA LYS A 57 -25.65 8.96 -22.27
C LYS A 57 -26.24 9.93 -21.22
N GLU A 58 -27.43 9.62 -20.73
CA GLU A 58 -28.10 10.45 -19.74
C GLU A 58 -27.59 10.21 -18.31
N LEU A 59 -27.22 8.96 -18.04
CA LEU A 59 -26.48 8.64 -16.82
C LEU A 59 -25.17 9.40 -16.79
N LYS A 60 -24.44 9.34 -17.90
CA LYS A 60 -23.15 10.03 -17.97
C LYS A 60 -23.31 11.51 -17.70
N LYS A 61 -24.44 12.07 -18.12
CA LYS A 61 -24.80 13.48 -17.84
C LYS A 61 -25.22 13.83 -16.41
N ASP A 62 -25.79 12.89 -15.69
CA ASP A 62 -26.29 13.16 -14.34
C ASP A 62 -25.12 13.57 -13.41
N PRO A 63 -25.24 14.79 -12.80
CA PRO A 63 -24.12 15.40 -12.08
C PRO A 63 -23.64 14.55 -10.87
N SER A 64 -24.45 13.60 -10.44
CA SER A 64 -24.08 12.78 -9.29
C SER A 64 -23.34 11.45 -9.67
N VAL A 65 -23.07 11.25 -10.97
CA VAL A 65 -22.45 10.05 -11.51
C VAL A 65 -20.99 10.32 -11.94
N ALA A 66 -20.05 9.49 -11.47
CA ALA A 66 -18.64 9.64 -11.83
C ALA A 66 -18.23 8.93 -13.15
N TYR A 67 -18.82 7.74 -13.41
CA TYR A 67 -18.52 6.92 -14.60
C TYR A 67 -19.61 5.89 -14.81
N VAL A 68 -19.66 5.41 -16.04
CA VAL A 68 -20.40 4.23 -16.37
C VAL A 68 -19.45 3.35 -17.15
N GLU A 69 -19.17 2.16 -16.65
CA GLU A 69 -18.33 1.26 -17.41
C GLU A 69 -19.05 -0.06 -17.60
N GLU A 70 -18.71 -0.76 -18.68
CA GLU A 70 -19.31 -2.05 -19.00
C GLU A 70 -18.85 -3.06 -17.96
N ASP A 71 -19.75 -3.91 -17.49
CA ASP A 71 -19.35 -4.94 -16.58
C ASP A 71 -18.60 -6.06 -17.35
N HIS A 72 -17.26 -6.01 -17.32
CA HIS A 72 -16.40 -6.92 -18.11
C HIS A 72 -16.40 -8.42 -17.73
N ILE A 73 -15.74 -9.20 -18.59
CA ILE A 73 -15.55 -10.60 -18.37
C ILE A 73 -14.11 -10.94 -18.05
N ALA A 74 -13.96 -11.73 -17.00
CA ALA A 74 -12.67 -12.32 -16.69
C ALA A 74 -12.73 -13.84 -16.94
N HIS A 75 -11.57 -14.48 -17.00
CA HIS A 75 -11.55 -15.92 -17.02
C HIS A 75 -10.37 -16.53 -16.28
N GLU A 76 -10.52 -17.78 -15.89
CA GLU A 76 -9.39 -18.54 -15.30
C GLU A 76 -8.15 -18.57 -16.23
N TYR A 77 -6.96 -18.47 -15.65
CA TYR A 77 -5.72 -18.47 -16.41
C TYR A 77 -4.96 -19.82 -16.30
N GLY A 78 -5.69 -20.91 -16.37
CA GLY A 78 -5.12 -22.22 -16.15
C GLY A 78 -5.72 -23.23 -17.10
N LYS A 79 -4.88 -24.10 -17.66
CA LYS A 79 -5.38 -25.19 -18.53
C LYS A 79 -4.80 -26.58 -18.27
N PRO A 80 -5.64 -27.63 -18.40
CA PRO A 80 -5.19 -29.04 -18.35
C PRO A 80 -3.95 -29.29 -19.25
N SER A 81 -2.96 -30.01 -18.72
CA SER A 81 -1.68 -30.39 -19.37
C SER A 81 -1.37 -31.91 -19.37
N TRP A 82 -1.89 -32.62 -18.37
CA TRP A 82 -1.64 -34.04 -18.21
C TRP A 82 -2.53 -34.66 -17.17
N LEU A 83 -3.21 -35.73 -17.55
CA LEU A 83 -4.29 -36.28 -16.76
C LEU A 83 -4.17 -37.80 -16.61
N GLN A 89 -6.17 -42.85 -3.86
CA GLN A 89 -5.38 -44.01 -4.25
C GLN A 89 -3.92 -43.80 -3.92
N PRO A 90 -3.27 -42.80 -4.54
CA PRO A 90 -1.80 -42.85 -4.57
C PRO A 90 -1.13 -42.27 -3.35
N ALA A 91 -0.04 -42.89 -2.92
CA ALA A 91 0.67 -42.36 -1.76
C ALA A 91 1.16 -40.94 -2.01
N GLN A 92 1.24 -40.15 -0.95
CA GLN A 92 1.51 -38.74 -1.11
C GLN A 92 2.85 -38.39 -1.82
N SER A 93 2.73 -37.68 -2.95
CA SER A 93 3.88 -36.93 -3.49
C SER A 93 3.83 -35.41 -3.33
N VAL A 94 5.01 -34.78 -3.42
CA VAL A 94 5.16 -33.34 -3.36
C VAL A 94 5.38 -32.77 -4.78
N PRO A 95 4.35 -32.10 -5.36
CA PRO A 95 4.55 -31.53 -6.74
C PRO A 95 5.79 -30.67 -6.77
N TYR A 96 6.53 -30.65 -7.87
CA TYR A 96 7.84 -29.98 -7.86
C TYR A 96 7.81 -28.57 -7.44
N GLY A 97 6.82 -27.82 -7.94
CA GLY A 97 6.69 -26.39 -7.62
C GLY A 97 6.82 -26.08 -6.15
N ILE A 98 6.19 -26.91 -5.34
CA ILE A 98 6.30 -26.74 -3.90
C ILE A 98 7.74 -26.76 -3.46
N SER A 99 8.57 -27.69 -3.96
CA SER A 99 10.00 -27.67 -3.57
C SER A 99 10.75 -26.52 -4.25
N GLN A 100 10.46 -26.23 -5.50
CA GLN A 100 11.06 -25.06 -6.18
C GLN A 100 11.04 -23.73 -5.37
N ILE A 101 9.94 -23.47 -4.64
CA ILE A 101 9.81 -22.22 -3.91
C ILE A 101 10.27 -22.38 -2.48
N LYS A 102 10.65 -23.63 -2.18
CA LYS A 102 11.23 -24.00 -0.88
C LYS A 102 10.27 -24.03 0.30
N ALA A 103 9.07 -24.50 0.05
CA ALA A 103 8.09 -24.67 1.12
C ALA A 103 8.55 -25.78 2.14
N PRO A 104 9.15 -26.90 1.64
CA PRO A 104 9.54 -27.94 2.59
C PRO A 104 10.36 -27.41 3.73
N ALA A 105 11.25 -26.47 3.47
CA ALA A 105 12.04 -25.92 4.59
C ALA A 105 11.17 -25.29 5.69
N LEU A 106 10.04 -24.77 5.29
CA LEU A 106 9.11 -24.28 6.25
C LEU A 106 8.39 -25.38 6.96
N HIS A 107 7.95 -26.39 6.25
CA HIS A 107 7.34 -27.56 6.93
C HIS A 107 8.25 -28.14 8.01
N SER A 108 9.57 -28.16 7.79
CA SER A 108 10.50 -28.81 8.72
C SER A 108 10.73 -28.01 10.00
N GLN A 109 10.36 -26.72 9.96
CA GLN A 109 10.41 -25.93 11.18
C GLN A 109 9.04 -26.00 11.86
N GLY A 110 8.12 -26.81 11.30
CA GLY A 110 6.74 -26.94 11.83
C GLY A 110 5.68 -25.93 11.35
N TYR A 111 5.99 -25.22 10.26
CA TYR A 111 5.12 -24.10 9.80
C TYR A 111 4.48 -24.53 8.55
N THR A 112 3.15 -24.54 8.52
CA THR A 112 2.39 -25.11 7.41
C THR A 112 1.15 -24.31 7.08
N GLY A 113 1.01 -23.17 7.73
CA GLY A 113 -0.09 -22.26 7.40
C GLY A 113 -1.28 -22.29 8.28
N SER A 114 -1.16 -22.82 9.49
CA SER A 114 -2.35 -23.02 10.38
C SER A 114 -2.96 -21.69 10.82
N ASN A 115 -4.28 -21.71 10.89
CA ASN A 115 -5.14 -20.54 11.18
C ASN A 115 -4.97 -19.41 10.17
N VAL A 116 -4.46 -19.70 8.96
CA VAL A 116 -4.33 -18.62 8.00
C VAL A 116 -5.49 -18.75 7.08
N LYS A 117 -6.23 -17.66 6.93
CA LYS A 117 -7.48 -17.71 6.13
C LYS A 117 -7.23 -17.25 4.68
N VAL A 118 -7.46 -18.19 3.76
CA VAL A 118 -7.18 -18.02 2.33
C VAL A 118 -8.43 -18.19 1.48
N ALA A 119 -8.78 -17.11 0.77
CA ALA A 119 -9.92 -17.13 -0.10
C ALA A 119 -9.43 -17.46 -1.50
N VAL A 120 -9.98 -18.56 -2.02
CA VAL A 120 -9.70 -18.99 -3.39
C VAL A 120 -10.83 -18.42 -4.22
N ILE A 121 -10.50 -17.36 -4.96
CA ILE A 121 -11.52 -16.62 -5.72
C ILE A 121 -11.46 -17.17 -7.13
N ASP A 122 -12.38 -18.08 -7.43
CA ASP A 122 -12.21 -18.90 -8.59
C ASP A 122 -13.52 -19.57 -8.98
N SER A 123 -13.44 -20.80 -9.43
CA SER A 123 -14.61 -21.52 -9.95
C SER A 123 -15.24 -22.39 -8.89
N GLY A 124 -14.74 -22.31 -7.66
CA GLY A 124 -15.33 -23.03 -6.54
C GLY A 124 -14.27 -24.02 -6.20
N ILE A 125 -14.49 -24.76 -5.12
CA ILE A 125 -13.58 -25.80 -4.69
C ILE A 125 -14.40 -27.04 -4.33
N ASP A 126 -13.98 -28.21 -4.87
CA ASP A 126 -14.66 -29.46 -4.56
C ASP A 126 -14.44 -29.91 -3.09
N SER A 127 -15.38 -29.57 -2.24
CA SER A 127 -15.22 -29.83 -0.83
C SER A 127 -15.18 -31.34 -0.46
N SER A 128 -15.68 -32.21 -1.34
CA SER A 128 -15.71 -33.65 -1.09
C SER A 128 -14.37 -34.31 -1.34
N HIS A 129 -13.45 -33.64 -2.01
CA HIS A 129 -12.10 -34.23 -2.22
C HIS A 129 -11.32 -34.57 -0.97
N PRO A 130 -10.84 -35.83 -0.87
CA PRO A 130 -10.19 -36.29 0.36
C PRO A 130 -8.89 -35.59 0.66
N ASP A 131 -8.31 -34.94 -0.34
CA ASP A 131 -6.97 -34.33 -0.09
C ASP A 131 -7.11 -32.81 0.13
N LEU A 132 -8.36 -32.33 0.23
CA LEU A 132 -8.67 -30.94 0.60
C LEU A 132 -9.58 -30.80 1.83
N ASN A 133 -9.44 -29.69 2.55
CA ASN A 133 -10.34 -29.35 3.67
C ASN A 133 -10.91 -27.95 3.46
N VAL A 134 -12.16 -27.86 3.03
CA VAL A 134 -12.73 -26.52 2.81
C VAL A 134 -13.55 -26.10 4.03
N ARG A 135 -13.27 -24.89 4.54
CA ARG A 135 -13.87 -24.44 5.79
C ARG A 135 -15.08 -23.55 5.63
N GLY A 136 -15.25 -22.99 4.45
CA GLY A 136 -16.35 -22.09 4.23
C GLY A 136 -16.29 -21.47 2.88
N GLY A 137 -17.23 -20.59 2.58
CA GLY A 137 -17.18 -19.86 1.32
C GLY A 137 -18.51 -19.30 0.92
N ALA A 138 -18.57 -18.79 -0.29
CA ALA A 138 -19.83 -18.40 -0.90
C ALA A 138 -19.67 -18.36 -2.43
N SER A 139 -20.81 -18.31 -3.12
CA SER A 139 -20.93 -18.17 -4.55
C SER A 139 -21.56 -16.86 -4.97
N PHE A 140 -21.00 -16.24 -5.99
CA PHE A 140 -21.54 -15.01 -6.60
C PHE A 140 -21.89 -15.17 -8.10
N VAL A 141 -21.97 -16.42 -8.56
CA VAL A 141 -22.38 -16.81 -9.92
C VAL A 141 -23.85 -17.09 -9.82
N PRO A 142 -24.70 -16.23 -10.41
CA PRO A 142 -26.12 -16.30 -10.09
C PRO A 142 -26.80 -17.68 -10.21
N SER A 143 -26.58 -18.48 -11.24
CA SER A 143 -27.35 -19.76 -11.30
C SER A 143 -26.55 -20.98 -10.88
N GLU A 144 -25.42 -20.76 -10.24
CA GLU A 144 -24.50 -21.80 -9.84
C GLU A 144 -24.16 -21.43 -8.38
N THR A 145 -25.12 -21.67 -7.48
CA THR A 145 -25.11 -21.06 -6.17
C THR A 145 -24.35 -21.82 -5.10
N ASN A 146 -23.84 -23.00 -5.44
CA ASN A 146 -23.06 -23.77 -4.48
C ASN A 146 -21.56 -23.73 -4.71
N PRO A 147 -20.86 -22.99 -3.84
CA PRO A 147 -19.43 -22.80 -3.98
C PRO A 147 -18.63 -24.09 -3.83
N TYR A 148 -19.26 -25.13 -3.28
CA TYR A 148 -18.55 -26.42 -3.09
C TYR A 148 -18.65 -27.40 -4.30
N GLN A 149 -19.32 -26.92 -5.35
CA GLN A 149 -19.40 -27.60 -6.67
C GLN A 149 -18.54 -26.81 -7.64
N ASP A 150 -17.36 -27.36 -7.90
CA ASP A 150 -16.43 -26.73 -8.81
C ASP A 150 -16.77 -27.16 -10.26
N GLY A 151 -17.62 -26.40 -10.92
CA GLY A 151 -18.10 -26.72 -12.26
C GLY A 151 -17.03 -26.83 -13.32
N SER A 152 -15.99 -26.02 -13.23
CA SER A 152 -15.02 -26.07 -14.27
C SER A 152 -13.77 -26.88 -13.90
N SER A 153 -13.58 -27.19 -12.62
CA SER A 153 -12.38 -27.92 -12.15
C SER A 153 -11.18 -27.05 -11.85
N HIS A 154 -11.25 -25.78 -12.18
CA HIS A 154 -10.06 -24.93 -12.03
C HIS A 154 -9.75 -24.51 -10.55
N GLY A 155 -10.78 -24.08 -9.82
CA GLY A 155 -10.53 -23.63 -8.40
C GLY A 155 -10.00 -24.76 -7.52
N THR A 156 -10.50 -25.97 -7.78
CA THR A 156 -10.06 -27.19 -7.07
C THR A 156 -8.55 -27.44 -7.24
N HIS A 157 -8.02 -27.06 -8.40
CA HIS A 157 -6.64 -27.36 -8.74
C HIS A 157 -5.79 -26.30 -8.03
N VAL A 158 -6.23 -25.05 -8.19
CA VAL A 158 -5.64 -23.91 -7.51
C VAL A 158 -5.66 -24.16 -6.01
N ALA A 159 -6.80 -24.52 -5.45
CA ALA A 159 -6.80 -24.81 -4.02
C ALA A 159 -5.86 -25.92 -3.58
N GLY A 160 -5.67 -26.94 -4.42
CA GLY A 160 -4.67 -27.99 -4.07
C GLY A 160 -3.23 -27.53 -3.97
N THR A 161 -2.81 -26.55 -4.84
CA THR A 161 -1.46 -26.00 -4.73
C THR A 161 -1.26 -25.28 -3.38
N ILE A 162 -2.25 -24.49 -3.01
CA ILE A 162 -2.24 -23.76 -1.75
C ILE A 162 -2.26 -24.74 -0.59
N ALA A 163 -3.25 -25.65 -0.59
CA ALA A 163 -3.55 -26.39 0.68
C ALA A 163 -3.93 -27.92 0.65
N ALA A 164 -3.60 -28.63 -0.43
CA ALA A 164 -3.69 -30.09 -0.43
C ALA A 164 -3.14 -30.64 0.90
N LEU A 165 -3.95 -31.46 1.58
CA LEU A 165 -3.59 -32.02 2.90
C LEU A 165 -2.29 -32.78 2.91
N ASN A 166 -1.54 -32.56 3.98
CA ASN A 166 -0.39 -33.35 4.33
C ASN A 166 -0.90 -34.61 5.08
N ASN A 167 -0.93 -35.71 4.33
CA ASN A 167 -1.50 -36.96 4.77
C ASN A 167 -0.83 -38.08 4.00
N SER A 168 -1.58 -39.13 3.68
CA SER A 168 -0.96 -40.34 3.13
C SER A 168 -1.18 -40.42 1.64
N ILE A 169 -1.96 -39.45 1.11
CA ILE A 169 -2.47 -39.49 -0.29
C ILE A 169 -2.23 -38.22 -1.17
N GLY A 170 -2.32 -38.42 -2.50
CA GLY A 170 -2.35 -37.33 -3.45
C GLY A 170 -1.15 -36.40 -3.41
N VAL A 171 -1.40 -35.11 -3.12
CA VAL A 171 -0.35 -34.13 -3.25
C VAL A 171 -0.14 -33.38 -1.93
N LEU A 172 0.61 -32.29 -1.95
CA LEU A 172 0.86 -31.55 -0.76
C LEU A 172 0.77 -30.09 -1.19
N GLY A 173 0.06 -29.24 -0.45
CA GLY A 173 0.01 -27.86 -0.76
C GLY A 173 1.18 -27.09 -0.19
N VAL A 174 1.46 -25.94 -0.80
CA VAL A 174 2.42 -25.00 -0.17
C VAL A 174 2.20 -24.83 1.33
N SER A 175 0.94 -24.65 1.72
CA SER A 175 0.54 -24.41 3.12
C SER A 175 -0.58 -25.37 3.51
N PRO A 176 -0.20 -26.63 3.75
CA PRO A 176 -1.22 -27.69 3.86
C PRO A 176 -2.17 -27.56 5.08
N SER A 177 -1.83 -26.79 6.09
CA SER A 177 -2.87 -26.65 7.11
C SER A 177 -3.65 -25.30 7.08
N ALA A 178 -3.56 -24.57 5.97
CA ALA A 178 -4.24 -23.30 5.84
C ALA A 178 -5.75 -23.49 5.79
N SER A 179 -6.48 -22.51 6.31
CA SER A 179 -7.93 -22.55 6.25
C SER A 179 -8.38 -22.05 4.89
N LEU A 180 -9.03 -22.95 4.14
CA LEU A 180 -9.37 -22.76 2.72
C LEU A 180 -10.81 -22.25 2.60
N TYR A 181 -11.05 -21.24 1.76
CA TYR A 181 -12.41 -20.75 1.56
C TYR A 181 -12.67 -20.76 0.08
N ALA A 182 -13.83 -21.24 -0.34
CA ALA A 182 -14.21 -21.26 -1.75
C ALA A 182 -15.05 -20.05 -2.13
N VAL A 183 -14.49 -19.17 -2.94
CA VAL A 183 -15.26 -18.04 -3.28
C VAL A 183 -15.59 -18.12 -4.75
N LYS A 184 -16.77 -18.66 -5.06
CA LYS A 184 -17.10 -18.92 -6.44
C LYS A 184 -17.46 -17.72 -7.21
N VAL A 185 -16.59 -17.30 -8.12
CA VAL A 185 -16.98 -16.20 -8.99
C VAL A 185 -16.92 -16.44 -10.52
N LEU A 186 -16.45 -17.63 -10.95
CA LEU A 186 -16.51 -18.08 -12.37
C LEU A 186 -17.58 -19.16 -12.53
N ASP A 187 -18.36 -19.12 -13.61
CA ASP A 187 -19.32 -20.23 -13.89
C ASP A 187 -18.60 -21.54 -14.43
N SER A 188 -19.37 -22.61 -14.65
CA SER A 188 -18.99 -23.80 -15.47
C SER A 188 -18.02 -23.53 -16.60
N THR A 189 -18.25 -22.43 -17.33
CA THR A 189 -17.39 -22.08 -18.48
C THR A 189 -16.07 -21.45 -18.14
N GLY A 190 -15.80 -21.22 -16.86
CA GLY A 190 -14.48 -20.70 -16.49
C GLY A 190 -14.38 -19.20 -16.62
N SER A 191 -15.54 -18.57 -16.75
CA SER A 191 -15.72 -17.15 -16.95
C SER A 191 -16.58 -16.46 -15.87
N GLY A 192 -16.30 -15.20 -15.61
CA GLY A 192 -17.09 -14.40 -14.65
C GLY A 192 -17.22 -12.93 -15.06
N GLN A 193 -18.40 -12.39 -14.80
CA GLN A 193 -18.57 -10.92 -14.78
C GLN A 193 -17.74 -10.19 -13.68
N TYR A 194 -17.18 -9.04 -14.02
CA TYR A 194 -16.35 -8.26 -13.11
C TYR A 194 -17.11 -8.01 -11.82
N SER A 195 -18.37 -7.59 -11.93
CA SER A 195 -19.23 -7.50 -10.76
C SER A 195 -19.34 -8.74 -9.86
N TRP A 196 -19.28 -9.95 -10.40
CA TRP A 196 -19.30 -11.16 -9.53
C TRP A 196 -17.98 -11.31 -8.76
N ILE A 197 -16.88 -10.97 -9.45
CA ILE A 197 -15.55 -10.98 -8.85
C ILE A 197 -15.47 -9.96 -7.71
N ILE A 198 -16.00 -8.75 -7.95
CA ILE A 198 -16.03 -7.70 -6.93
C ILE A 198 -16.79 -8.22 -5.73
N ASN A 199 -17.94 -8.85 -5.96
CA ASN A 199 -18.70 -9.41 -4.84
C ASN A 199 -17.86 -10.43 -4.10
N GLY A 200 -17.25 -11.36 -4.81
CA GLY A 200 -16.29 -12.26 -4.22
C GLY A 200 -15.24 -11.55 -3.36
N ILE A 201 -14.55 -10.56 -3.92
CA ILE A 201 -13.56 -9.85 -3.11
C ILE A 201 -14.20 -9.19 -1.84
N GLU A 202 -15.33 -8.52 -1.99
CA GLU A 202 -16.04 -7.93 -0.87
C GLU A 202 -16.36 -8.95 0.23
N TRP A 203 -16.83 -10.13 -0.16
CA TRP A 203 -17.04 -11.24 0.76
C TRP A 203 -15.73 -11.52 1.48
N ALA A 204 -14.59 -11.42 0.78
CA ALA A 204 -13.36 -11.88 1.44
C ALA A 204 -12.95 -10.86 2.52
N ILE A 205 -13.16 -9.58 2.18
CA ILE A 205 -12.91 -8.51 3.09
C ILE A 205 -13.80 -8.64 4.35
N SER A 206 -15.12 -8.84 4.15
CA SER A 206 -16.05 -8.85 5.26
C SER A 206 -15.86 -10.04 6.08
N ASN A 207 -15.06 -11.00 5.62
CA ASN A 207 -14.98 -12.29 6.33
C ASN A 207 -13.63 -12.45 6.87
N ASN A 208 -12.84 -11.41 6.75
CA ASN A 208 -11.54 -11.36 7.39
C ASN A 208 -10.55 -12.41 6.86
N MET A 209 -10.57 -12.63 5.55
CA MET A 209 -9.51 -13.42 4.93
C MET A 209 -8.17 -12.72 5.19
N ASP A 210 -7.13 -13.52 5.38
CA ASP A 210 -5.77 -13.03 5.43
C ASP A 210 -5.11 -12.90 4.07
N VAL A 211 -5.56 -13.72 3.12
CA VAL A 211 -4.96 -13.86 1.82
C VAL A 211 -6.01 -14.11 0.77
N ILE A 212 -5.89 -13.42 -0.36
CA ILE A 212 -6.78 -13.58 -1.47
C ILE A 212 -5.98 -14.11 -2.62
N ASN A 213 -6.47 -15.18 -3.23
CA ASN A 213 -5.91 -15.71 -4.46
C ASN A 213 -6.89 -15.55 -5.60
N MET A 214 -6.44 -14.87 -6.64
CA MET A 214 -7.15 -14.71 -7.91
C MET A 214 -6.30 -15.17 -9.13
N SER A 215 -6.52 -16.43 -9.53
CA SER A 215 -5.88 -17.06 -10.68
C SER A 215 -6.69 -16.79 -11.92
N LEU A 216 -7.06 -15.53 -12.14
CA LEU A 216 -8.04 -15.20 -13.18
C LEU A 216 -7.84 -13.75 -13.55
N GLY A 217 -8.45 -13.29 -14.63
CA GLY A 217 -8.23 -11.93 -15.00
C GLY A 217 -8.91 -11.68 -16.28
N GLY A 218 -8.96 -10.41 -16.65
CA GLY A 218 -9.53 -9.92 -17.91
C GLY A 218 -8.58 -8.87 -18.51
N PRO A 219 -8.72 -8.57 -19.80
CA PRO A 219 -7.76 -7.67 -20.43
C PRO A 219 -8.09 -6.20 -20.28
N THR A 220 -9.29 -5.88 -19.81
CA THR A 220 -9.75 -4.47 -19.64
C THR A 220 -9.81 -4.01 -18.16
N GLY A 221 -9.31 -2.80 -17.91
CA GLY A 221 -9.38 -2.11 -16.62
C GLY A 221 -10.80 -1.80 -16.16
N SER A 222 -10.96 -1.55 -14.87
CA SER A 222 -12.32 -1.30 -14.27
C SER A 222 -12.08 -0.50 -13.01
N THR A 223 -12.80 0.62 -12.89
CA THR A 223 -12.56 1.51 -11.78
C THR A 223 -13.00 0.84 -10.50
N ALA A 224 -14.07 0.09 -10.57
CA ALA A 224 -14.72 -0.51 -9.40
C ALA A 224 -13.90 -1.68 -8.96
N LEU A 225 -13.25 -2.30 -9.92
CA LEU A 225 -12.41 -3.42 -9.61
C LEU A 225 -11.16 -2.95 -8.85
N LYS A 226 -10.48 -1.91 -9.34
CA LYS A 226 -9.37 -1.31 -8.63
C LYS A 226 -9.71 -0.93 -7.16
N THR A 227 -10.82 -0.25 -6.98
CA THR A 227 -11.25 0.18 -5.71
C THR A 227 -11.21 -1.02 -4.79
N VAL A 228 -11.96 -2.09 -5.16
CA VAL A 228 -12.16 -3.17 -4.21
C VAL A 228 -10.85 -3.91 -3.95
N VAL A 229 -10.01 -4.11 -5.00
CA VAL A 229 -8.75 -4.80 -4.69
C VAL A 229 -7.90 -3.92 -3.81
N ASP A 230 -7.91 -2.62 -4.08
CA ASP A 230 -7.18 -1.66 -3.23
C ASP A 230 -7.72 -1.67 -1.78
N LYS A 231 -9.02 -1.77 -1.65
CA LYS A 231 -9.59 -1.80 -0.34
C LYS A 231 -9.12 -3.00 0.46
N ALA A 232 -9.10 -4.18 -0.15
CA ALA A 232 -8.65 -5.43 0.52
C ALA A 232 -7.23 -5.34 1.04
N VAL A 233 -6.34 -4.87 0.20
CA VAL A 233 -4.94 -4.68 0.57
C VAL A 233 -4.86 -3.64 1.68
N SER A 234 -5.62 -2.54 1.52
CA SER A 234 -5.65 -1.47 2.50
C SER A 234 -6.13 -2.01 3.86
N SER A 235 -7.01 -3.01 3.85
CA SER A 235 -7.49 -3.57 5.11
C SER A 235 -6.52 -4.59 5.66
N GLY A 236 -5.38 -4.76 5.01
CA GLY A 236 -4.39 -5.67 5.52
C GLY A 236 -4.35 -7.06 4.89
N ILE A 237 -5.08 -7.28 3.79
CA ILE A 237 -5.12 -8.59 3.12
C ILE A 237 -4.01 -8.73 2.03
N VAL A 238 -3.27 -9.84 2.04
CA VAL A 238 -2.28 -10.06 0.95
C VAL A 238 -3.05 -10.54 -0.26
N VAL A 239 -2.87 -9.86 -1.39
CA VAL A 239 -3.64 -10.15 -2.59
C VAL A 239 -2.74 -10.67 -3.75
N ALA A 240 -2.95 -11.91 -4.17
CA ALA A 240 -2.10 -12.44 -5.24
C ALA A 240 -2.98 -12.68 -6.46
N ALA A 241 -2.50 -12.19 -7.61
CA ALA A 241 -3.22 -12.31 -8.86
C ALA A 241 -2.33 -12.79 -10.00
N ALA A 242 -2.89 -13.66 -10.81
CA ALA A 242 -2.17 -14.24 -11.92
C ALA A 242 -1.90 -13.18 -12.97
N ALA A 243 -0.70 -13.14 -13.52
CA ALA A 243 -0.35 -12.13 -14.52
C ALA A 243 -1.16 -12.18 -15.80
N GLY A 244 -1.64 -13.36 -16.15
CA GLY A 244 -2.20 -13.65 -17.49
C GLY A 244 -1.32 -14.57 -18.35
N ASN A 245 -1.90 -15.13 -19.40
CA ASN A 245 -1.22 -16.12 -20.27
C ASN A 245 -1.11 -15.62 -21.76
N GLU A 246 -0.83 -14.33 -21.96
CA GLU A 246 -1.01 -13.73 -23.28
C GLU A 246 0.34 -13.55 -23.93
N GLY A 247 1.38 -14.12 -23.30
CA GLY A 247 2.75 -14.03 -23.83
C GLY A 247 3.36 -12.64 -23.75
N SER A 248 4.30 -12.35 -24.65
CA SER A 248 4.83 -10.99 -24.80
C SER A 248 4.38 -10.32 -26.12
N SER A 249 4.84 -9.09 -26.31
CA SER A 249 4.44 -8.30 -27.46
C SER A 249 5.23 -7.01 -27.40
N GLY A 250 6.45 -7.06 -27.94
CA GLY A 250 7.43 -6.02 -27.72
C GLY A 250 7.52 -5.53 -26.27
N SER A 251 7.19 -4.26 -26.07
CA SER A 251 7.41 -3.61 -24.82
C SER A 251 6.06 -3.22 -24.27
N THR A 252 5.01 -3.69 -24.93
CA THR A 252 3.68 -3.50 -24.41
C THR A 252 3.40 -4.51 -23.30
N SER A 253 2.79 -4.04 -22.22
CA SER A 253 2.43 -4.87 -21.10
C SER A 253 1.26 -5.74 -21.48
N THR A 254 1.35 -7.02 -21.17
CA THR A 254 0.23 -7.91 -21.50
C THR A 254 -0.44 -8.45 -20.22
N VAL A 255 0.02 -7.95 -19.08
CA VAL A 255 -0.53 -8.33 -17.80
C VAL A 255 -2.06 -8.05 -17.77
N GLY A 256 -2.85 -9.02 -17.29
CA GLY A 256 -4.31 -8.84 -17.08
C GLY A 256 -4.74 -8.06 -15.81
N TYR A 257 -6.01 -7.74 -15.72
CA TYR A 257 -6.56 -7.10 -14.56
C TYR A 257 -7.27 -8.18 -13.76
N PRO A 258 -7.08 -8.18 -12.42
CA PRO A 258 -6.49 -7.13 -11.59
C PRO A 258 -4.99 -7.21 -11.32
N ALA A 259 -4.33 -8.26 -11.79
CA ALA A 259 -2.88 -8.29 -11.64
C ALA A 259 -2.17 -6.99 -12.04
N LYS A 260 -2.71 -6.32 -13.05
CA LYS A 260 -2.15 -5.05 -13.46
C LYS A 260 -2.10 -3.94 -12.37
N TYR A 261 -2.95 -4.04 -11.35
CA TYR A 261 -2.95 -2.98 -10.30
C TYR A 261 -1.80 -3.16 -9.34
N PRO A 262 -1.19 -2.04 -8.92
CA PRO A 262 -0.01 -2.21 -8.11
C PRO A 262 -0.30 -2.73 -6.74
N SER A 263 -1.55 -2.66 -6.28
CA SER A 263 -1.81 -3.18 -4.94
C SER A 263 -1.70 -4.72 -4.86
N THR A 264 -1.90 -5.39 -5.98
CA THR A 264 -1.82 -6.84 -6.00
C THR A 264 -0.39 -7.26 -6.30
N ILE A 265 -0.05 -8.49 -5.86
CA ILE A 265 1.17 -9.14 -6.31
C ILE A 265 0.87 -9.84 -7.64
N ALA A 266 1.47 -9.36 -8.73
CA ALA A 266 1.19 -10.00 -9.99
C ALA A 266 2.16 -11.16 -10.20
N VAL A 267 1.65 -12.34 -10.53
CA VAL A 267 2.50 -13.50 -10.55
C VAL A 267 2.59 -14.10 -11.93
N GLY A 268 3.83 -14.22 -12.43
CA GLY A 268 4.00 -14.91 -13.71
C GLY A 268 4.51 -16.35 -13.56
N ALA A 269 4.53 -17.10 -14.65
CA ALA A 269 4.97 -18.49 -14.64
C ALA A 269 6.44 -18.77 -15.03
N VAL A 270 7.21 -19.41 -14.15
CA VAL A 270 8.44 -20.11 -14.60
C VAL A 270 8.25 -21.61 -14.63
N ASN A 271 9.10 -22.30 -15.39
CA ASN A 271 9.12 -23.74 -15.43
C ASN A 271 10.14 -24.19 -14.46
N SER A 272 10.36 -25.51 -14.42
CA SER A 272 11.27 -26.11 -13.43
C SER A 272 12.71 -25.70 -13.68
N SER A 273 12.98 -25.13 -14.87
CA SER A 273 14.35 -24.63 -15.08
C SER A 273 14.52 -23.13 -14.80
N ASN A 274 13.45 -22.53 -14.26
CA ASN A 274 13.47 -21.13 -13.88
C ASN A 274 13.40 -20.26 -15.12
N GLN A 275 12.90 -20.84 -16.22
CA GLN A 275 12.72 -20.02 -17.38
C GLN A 275 11.33 -19.51 -17.37
N ARG A 276 11.21 -18.20 -17.61
CA ARG A 276 9.94 -17.60 -17.99
C ARG A 276 9.26 -18.52 -18.98
N ALA A 277 8.05 -18.92 -18.67
CA ALA A 277 7.25 -19.77 -19.55
C ALA A 277 6.81 -19.01 -20.78
N SER A 278 6.33 -19.74 -21.77
CA SER A 278 6.02 -19.18 -23.06
C SER A 278 4.88 -18.19 -22.87
N PHE A 279 3.71 -18.72 -22.48
CA PHE A 279 2.41 -18.01 -22.42
C PHE A 279 2.40 -16.87 -21.34
N SER A 280 3.48 -16.69 -20.61
CA SER A 280 3.40 -15.94 -19.36
C SER A 280 3.47 -14.43 -19.58
N SER A 281 2.31 -13.75 -19.38
CA SER A 281 2.17 -12.28 -19.61
C SER A 281 3.33 -11.53 -19.05
N ALA A 282 3.75 -10.49 -19.74
CA ALA A 282 4.89 -9.72 -19.30
C ALA A 282 4.59 -8.18 -19.27
N GLY A 283 5.39 -7.44 -18.52
CA GLY A 283 5.09 -6.05 -18.27
C GLY A 283 5.73 -5.60 -16.99
N SER A 284 5.66 -4.30 -16.79
CA SER A 284 6.33 -3.66 -15.64
C SER A 284 5.49 -3.88 -14.39
N GLU A 285 4.26 -4.30 -14.57
CA GLU A 285 3.42 -4.62 -13.41
C GLU A 285 3.70 -6.02 -12.78
N LEU A 286 4.48 -6.86 -13.45
CA LEU A 286 4.98 -8.11 -12.87
C LEU A 286 5.81 -7.86 -11.65
N ASP A 287 5.51 -8.65 -10.61
CA ASP A 287 6.16 -8.56 -9.32
C ASP A 287 7.04 -9.74 -8.96
N VAL A 288 6.56 -10.96 -9.21
CA VAL A 288 7.31 -12.17 -8.85
C VAL A 288 6.90 -13.28 -9.76
N MET A 289 7.64 -14.38 -9.72
CA MET A 289 7.37 -15.55 -10.56
C MET A 289 7.23 -16.77 -9.67
N ALA A 290 6.52 -17.76 -10.17
CA ALA A 290 6.35 -19.00 -9.47
C ALA A 290 6.10 -20.10 -10.52
N PRO A 291 6.23 -21.38 -10.12
CA PRO A 291 6.05 -22.46 -11.09
C PRO A 291 4.66 -22.46 -11.64
N GLY A 292 4.53 -22.46 -12.96
CA GLY A 292 3.22 -22.65 -13.59
C GLY A 292 3.17 -23.61 -14.75
N VAL A 293 4.21 -24.44 -14.88
CA VAL A 293 4.28 -25.41 -15.96
C VAL A 293 4.14 -26.80 -15.37
N SER A 294 3.18 -27.58 -15.88
CA SER A 294 3.02 -28.94 -15.46
C SER A 294 2.87 -29.06 -13.97
N ILE A 295 1.83 -28.41 -13.44
CA ILE A 295 1.65 -28.32 -11.99
C ILE A 295 0.65 -29.37 -11.59
N GLN A 296 1.14 -30.39 -10.88
CA GLN A 296 0.27 -31.44 -10.35
C GLN A 296 -0.61 -30.88 -9.19
N SER A 297 -1.89 -31.19 -9.20
CA SER A 297 -2.69 -30.90 -8.03
C SER A 297 -4.03 -31.65 -8.05
N THR A 298 -4.80 -31.49 -6.98
CA THR A 298 -6.18 -31.98 -6.81
C THR A 298 -7.16 -31.54 -7.91
N LEU A 299 -8.01 -32.45 -8.37
CA LEU A 299 -9.09 -32.16 -9.33
C LEU A 299 -10.34 -32.81 -8.79
N PRO A 300 -11.53 -32.32 -9.17
CA PRO A 300 -12.72 -32.86 -8.56
C PRO A 300 -12.88 -34.38 -8.76
N GLY A 301 -13.70 -34.99 -7.92
CA GLY A 301 -13.99 -36.40 -8.03
C GLY A 301 -12.80 -37.16 -7.49
N GLY A 302 -12.00 -36.56 -6.66
CA GLY A 302 -11.01 -37.35 -5.94
C GLY A 302 -9.66 -37.56 -6.63
N THR A 303 -9.47 -37.06 -7.86
CA THR A 303 -8.14 -37.21 -8.51
C THR A 303 -7.12 -36.09 -8.43
N TYR A 304 -6.23 -36.12 -9.40
CA TYR A 304 -5.06 -35.27 -9.49
C TYR A 304 -4.79 -35.13 -10.98
N GLY A 305 -3.96 -34.16 -11.34
CA GLY A 305 -3.65 -33.81 -12.72
C GLY A 305 -2.79 -32.57 -12.76
N ALA A 306 -2.11 -32.37 -13.89
CA ALA A 306 -1.17 -31.26 -14.06
C ALA A 306 -1.82 -30.29 -14.96
N TYR A 307 -1.64 -29.01 -14.63
CA TYR A 307 -2.14 -27.90 -15.45
C TYR A 307 -1.01 -26.96 -15.70
N ASN A 308 -1.12 -26.15 -16.78
CA ASN A 308 -0.24 -25.00 -16.99
C ASN A 308 -1.00 -23.68 -16.84
N GLY A 309 -0.31 -22.66 -16.37
CA GLY A 309 -0.95 -21.36 -16.29
C GLY A 309 -0.30 -20.50 -15.27
N THR A 310 -0.35 -19.19 -15.48
CA THR A 310 -0.13 -18.27 -14.39
C THR A 310 -1.21 -18.52 -13.27
N ALA A 311 -2.38 -19.05 -13.63
CA ALA A 311 -3.28 -19.53 -12.60
C ALA A 311 -2.65 -20.46 -11.62
N MET A 312 -1.60 -21.23 -12.04
CA MET A 312 -1.03 -22.27 -11.16
C MET A 312 0.18 -21.75 -10.44
N ALA A 313 0.82 -20.73 -11.00
CA ALA A 313 1.87 -20.02 -10.30
C ALA A 313 1.37 -19.23 -9.05
N THR A 314 0.23 -18.54 -9.21
CA THR A 314 -0.34 -17.67 -8.20
C THR A 314 -0.60 -18.36 -6.83
N PRO A 315 -1.26 -19.51 -6.84
CA PRO A 315 -1.39 -20.14 -5.53
C PRO A 315 -0.07 -20.48 -4.83
N HIS A 316 1.08 -20.36 -5.50
CA HIS A 316 2.29 -20.83 -4.89
C HIS A 316 2.60 -19.69 -3.99
N VAL A 317 2.43 -18.50 -4.55
CA VAL A 317 2.62 -17.24 -3.83
C VAL A 317 1.61 -17.06 -2.72
N ALA A 318 0.34 -17.36 -2.98
CA ALA A 318 -0.70 -17.30 -1.94
C ALA A 318 -0.40 -18.20 -0.75
N GLY A 319 0.06 -19.41 -1.05
CA GLY A 319 0.39 -20.37 -0.02
C GLY A 319 1.65 -19.93 0.72
N ALA A 320 2.63 -19.42 -0.03
CA ALA A 320 3.85 -18.88 0.59
C ALA A 320 3.51 -17.82 1.60
N ALA A 321 2.54 -16.97 1.27
CA ALA A 321 2.15 -15.90 2.15
C ALA A 321 1.57 -16.48 3.44
N ALA A 322 0.79 -17.55 3.29
CA ALA A 322 0.20 -18.24 4.44
C ALA A 322 1.30 -18.88 5.28
N LEU A 323 2.27 -19.52 4.64
CA LEU A 323 3.45 -20.01 5.40
C LEU A 323 4.04 -18.91 6.23
N ILE A 324 4.35 -17.79 5.56
CA ILE A 324 5.05 -16.72 6.23
C ILE A 324 4.22 -16.25 7.40
N LEU A 325 2.93 -16.12 7.20
CA LEU A 325 2.07 -15.60 8.30
C LEU A 325 1.93 -16.56 9.45
N SER A 326 2.11 -17.86 9.21
CA SER A 326 1.96 -18.86 10.26
C SER A 326 3.21 -18.87 11.10
N LYS A 327 4.36 -18.51 10.51
CA LYS A 327 5.59 -18.35 11.27
C LYS A 327 5.66 -16.93 11.89
N HIS A 328 5.19 -15.93 11.13
CA HIS A 328 5.25 -14.56 11.60
C HIS A 328 3.90 -13.89 11.62
N PRO A 329 3.05 -14.27 12.58
CA PRO A 329 1.68 -13.78 12.69
C PRO A 329 1.52 -12.27 12.88
N THR A 330 2.57 -11.58 13.27
CA THR A 330 2.42 -10.14 13.47
C THR A 330 2.81 -9.34 12.26
N TRP A 331 3.38 -10.00 11.23
CA TRP A 331 3.71 -9.33 9.95
C TRP A 331 2.41 -8.99 9.24
N THR A 332 2.31 -7.78 8.73
CA THR A 332 1.08 -7.31 8.04
C THR A 332 1.29 -7.65 6.58
N ASN A 333 0.30 -7.46 5.73
CA ASN A 333 0.51 -7.79 4.28
C ASN A 333 1.69 -7.10 3.64
N ALA A 334 1.93 -5.85 4.04
CA ALA A 334 3.04 -5.12 3.47
C ALA A 334 4.37 -5.78 3.81
N GLN A 335 4.54 -6.27 5.02
CA GLN A 335 5.79 -6.96 5.34
C GLN A 335 5.94 -8.27 4.59
N VAL A 336 4.86 -9.08 4.59
CA VAL A 336 4.85 -10.32 3.80
C VAL A 336 5.19 -10.02 2.33
N ARG A 337 4.49 -9.06 1.74
CA ARG A 337 4.79 -8.77 0.35
C ARG A 337 6.27 -8.35 0.22
N ASP A 338 6.69 -7.39 1.03
CA ASP A 338 8.11 -7.01 0.97
C ASP A 338 9.10 -8.21 1.08
N ARG A 339 8.86 -9.13 2.03
CA ARG A 339 9.78 -10.29 2.21
C ARG A 339 9.83 -11.13 0.96
N LEU A 340 8.65 -11.43 0.43
CA LEU A 340 8.51 -12.22 -0.77
C LEU A 340 9.25 -11.61 -1.96
N GLU A 341 9.04 -10.31 -2.20
CA GLU A 341 9.69 -9.65 -3.33
C GLU A 341 11.19 -9.47 -3.10
N SER A 342 11.59 -9.04 -1.90
CA SER A 342 12.97 -8.61 -1.72
C SER A 342 14.01 -9.71 -1.34
N THR A 343 13.52 -10.94 -1.18
CA THR A 343 14.33 -12.16 -1.06
C THR A 343 14.12 -13.04 -2.28
N ALA A 344 13.37 -12.58 -3.26
CA ALA A 344 13.20 -13.37 -4.47
C ALA A 344 14.56 -13.66 -5.15
N THR A 345 14.58 -14.67 -6.01
CA THR A 345 15.79 -15.11 -6.63
C THR A 345 15.86 -14.50 -8.03
N TYR A 346 16.72 -13.50 -8.23
CA TYR A 346 16.83 -12.82 -9.51
C TYR A 346 16.92 -13.79 -10.68
N LEU A 347 16.09 -13.61 -11.70
CA LEU A 347 16.03 -14.53 -12.88
C LEU A 347 16.22 -13.89 -14.27
N GLY A 348 16.64 -12.63 -14.30
CA GLY A 348 16.58 -11.88 -15.56
C GLY A 348 15.81 -10.57 -15.50
N ASN A 349 15.54 -10.02 -16.68
CA ASN A 349 14.95 -8.68 -16.84
C ASN A 349 13.58 -8.61 -16.16
N SER A 350 13.42 -7.60 -15.29
CA SER A 350 12.19 -7.40 -14.53
C SER A 350 10.91 -7.22 -15.38
N PHE A 351 11.05 -6.86 -16.66
CA PHE A 351 9.89 -6.77 -17.54
C PHE A 351 9.33 -8.16 -17.67
N TYR A 352 10.22 -9.14 -17.54
CA TYR A 352 9.91 -10.55 -17.84
C TYR A 352 9.75 -11.43 -16.59
N TYR A 353 10.37 -11.03 -15.49
CA TYR A 353 10.60 -11.92 -14.35
C TYR A 353 10.27 -11.22 -13.05
N GLY A 354 10.02 -9.94 -13.12
CA GLY A 354 9.77 -9.15 -11.92
C GLY A 354 11.04 -9.25 -11.09
N LYS A 355 10.87 -9.35 -9.78
CA LYS A 355 12.00 -9.59 -8.92
C LYS A 355 12.49 -11.04 -8.95
N GLY A 356 11.80 -11.91 -9.67
CA GLY A 356 12.29 -13.30 -9.82
C GLY A 356 11.49 -14.36 -9.04
N LEU A 357 12.13 -15.50 -8.74
CA LEU A 357 11.42 -16.68 -8.17
C LEU A 357 11.27 -16.47 -6.68
N ILE A 358 10.04 -16.58 -6.17
CA ILE A 358 9.86 -16.52 -4.71
C ILE A 358 10.61 -17.65 -3.97
N ASN A 359 11.09 -17.29 -2.78
CA ASN A 359 11.82 -18.17 -1.93
C ASN A 359 11.26 -18.00 -0.54
N VAL A 360 10.26 -18.83 -0.24
CA VAL A 360 9.62 -18.68 1.06
C VAL A 360 10.56 -18.98 2.19
N GLN A 361 11.50 -19.88 1.94
CA GLN A 361 12.51 -20.08 2.99
C GLN A 361 13.18 -18.74 3.36
N ALA A 362 13.73 -18.07 2.35
CA ALA A 362 14.43 -16.80 2.59
C ALA A 362 13.45 -15.75 3.11
N ALA A 363 12.28 -15.70 2.49
CA ALA A 363 11.27 -14.73 2.91
C ALA A 363 10.92 -14.90 4.37
N ALA A 364 10.88 -16.15 4.84
CA ALA A 364 10.49 -16.35 6.24
C ALA A 364 11.56 -16.28 7.34
N GLN A 365 12.84 -16.16 6.99
CA GLN A 365 13.95 -15.99 7.98
C GLN A 365 13.61 -14.94 9.06
N THR B 6 32.30 6.97 25.50
CA THR B 6 32.96 6.51 24.25
C THR B 6 32.06 5.56 23.42
N GLU B 7 30.75 5.58 23.72
CA GLU B 7 29.69 4.77 23.05
C GLU B 7 28.73 5.60 22.19
N LYS B 8 28.63 5.27 20.90
CA LYS B 8 27.82 6.08 19.95
C LYS B 8 26.79 5.33 19.06
N LYS B 9 25.78 6.09 18.61
CA LYS B 9 24.66 5.57 17.85
C LYS B 9 24.95 5.26 16.36
N TYR B 10 24.68 4.03 15.93
CA TYR B 10 24.95 3.64 14.55
C TYR B 10 23.83 2.83 13.92
N ILE B 11 23.90 2.73 12.59
CA ILE B 11 23.07 1.82 11.87
C ILE B 11 24.03 0.88 11.17
N VAL B 12 23.82 -0.41 11.37
CA VAL B 12 24.67 -1.39 10.74
C VAL B 12 23.91 -2.04 9.64
N GLY B 13 24.42 -1.99 8.41
CA GLY B 13 23.78 -2.66 7.29
C GLY B 13 24.45 -3.96 6.88
N PHE B 14 23.66 -5.02 6.77
CA PHE B 14 24.16 -6.34 6.42
C PHE B 14 24.03 -6.55 4.94
N LYS B 15 24.99 -7.27 4.35
CA LYS B 15 24.99 -7.53 2.90
C LYS B 15 23.82 -8.39 2.43
N GLN B 16 23.45 -8.18 1.17
CA GLN B 16 22.54 -9.02 0.35
C GLN B 16 22.02 -10.35 0.95
N THR B 17 22.97 -11.18 1.42
CA THR B 17 22.76 -12.33 2.33
C THR B 17 23.84 -13.41 2.12
N MET B 21 20.55 -14.27 6.89
CA MET B 21 20.35 -13.48 8.12
C MET B 21 19.00 -13.82 8.76
N SER B 22 18.80 -13.40 10.02
CA SER B 22 17.55 -13.64 10.75
C SER B 22 17.65 -12.87 12.06
N SER B 23 16.55 -12.68 12.75
CA SER B 23 16.58 -11.90 13.98
C SER B 23 17.80 -12.17 14.87
N ALA B 24 18.10 -13.45 15.11
CA ALA B 24 19.23 -13.85 15.95
C ALA B 24 20.60 -13.80 15.25
N LYS B 25 20.68 -14.24 13.98
CA LYS B 25 21.95 -14.18 13.21
C LYS B 25 22.62 -12.83 13.37
N LYS B 26 21.85 -11.78 13.12
CA LYS B 26 22.33 -10.39 13.20
C LYS B 26 22.55 -9.94 14.64
N LYS B 27 21.61 -10.25 15.52
CA LYS B 27 21.74 -9.90 16.95
C LYS B 27 23.04 -10.47 17.53
N ASP B 28 23.37 -11.73 17.18
CA ASP B 28 24.62 -12.38 17.64
C ASP B 28 25.83 -11.67 17.08
N VAL B 29 25.82 -11.41 15.77
CA VAL B 29 26.92 -10.74 15.06
C VAL B 29 27.35 -9.43 15.72
N ILE B 30 26.38 -8.59 16.08
CA ILE B 30 26.70 -7.35 16.75
C ILE B 30 27.00 -7.50 18.26
N SER B 31 26.27 -8.40 18.93
CA SER B 31 26.53 -8.70 20.34
C SER B 31 27.94 -9.29 20.57
N GLU B 32 28.34 -10.17 19.67
CA GLU B 32 29.62 -10.86 19.70
C GLU B 32 30.79 -9.94 19.48
N LYS B 33 30.54 -8.85 18.80
CA LYS B 33 31.62 -7.90 18.54
C LYS B 33 31.71 -6.73 19.56
N GLY B 34 30.88 -6.84 20.60
CA GLY B 34 30.93 -5.93 21.74
C GLY B 34 29.76 -4.98 21.92
N GLY B 35 28.87 -4.91 20.92
CA GLY B 35 27.83 -3.87 20.87
C GLY B 35 26.40 -4.29 21.18
N LYS B 36 25.51 -3.31 21.31
CA LYS B 36 24.13 -3.53 21.76
C LYS B 36 23.06 -3.03 20.79
N VAL B 37 22.46 -3.95 20.03
CA VAL B 37 21.29 -3.69 19.14
C VAL B 37 20.08 -3.09 19.89
N GLN B 38 19.45 -2.07 19.32
CA GLN B 38 18.26 -1.49 19.90
C GLN B 38 16.99 -1.81 19.12
N LYS B 39 17.18 -2.17 17.87
CA LYS B 39 16.11 -2.39 16.90
C LYS B 39 16.65 -3.06 15.63
N GLN B 40 15.98 -4.12 15.14
CA GLN B 40 16.19 -4.56 13.78
C GLN B 40 15.04 -4.04 12.89
N PHE B 41 15.40 -3.46 11.75
CA PHE B 41 14.41 -2.85 10.88
C PHE B 41 13.74 -3.97 10.14
N LYS B 42 12.51 -3.74 9.67
CA LYS B 42 11.74 -4.78 8.94
C LYS B 42 11.67 -4.64 7.44
N TYR B 43 11.95 -3.46 6.91
CA TYR B 43 11.95 -3.32 5.47
C TYR B 43 13.36 -2.95 4.98
N VAL B 44 14.28 -2.81 5.93
CA VAL B 44 15.67 -2.57 5.62
C VAL B 44 16.51 -3.57 6.41
N ASN B 45 17.39 -4.22 5.67
CA ASN B 45 18.36 -5.20 6.15
C ASN B 45 19.51 -4.48 6.93
N ALA B 46 19.16 -3.99 8.11
CA ALA B 46 20.05 -3.18 8.93
C ALA B 46 19.49 -3.14 10.34
N ALA B 47 20.29 -2.59 11.23
CA ALA B 47 19.91 -2.55 12.60
C ALA B 47 20.48 -1.30 13.26
N ALA B 48 19.80 -0.81 14.28
CA ALA B 48 20.30 0.24 15.12
C ALA B 48 21.07 -0.38 16.29
N ALA B 49 22.35 -0.04 16.37
CA ALA B 49 23.21 -0.47 17.46
C ALA B 49 23.98 0.70 18.11
N THR B 50 24.14 0.69 19.46
CA THR B 50 25.10 1.56 20.14
C THR B 50 26.42 0.80 20.14
N LEU B 51 27.51 1.51 19.82
CA LEU B 51 28.83 0.89 19.66
C LEU B 51 30.01 1.76 20.12
N ASP B 52 31.01 1.11 20.72
CA ASP B 52 32.29 1.77 20.98
C ASP B 52 33.15 1.83 19.71
N GLU B 53 34.21 2.63 19.77
CA GLU B 53 35.12 2.82 18.63
C GLU B 53 35.69 1.51 18.04
N LYS B 54 36.03 0.54 18.89
CA LYS B 54 36.63 -0.72 18.41
C LYS B 54 35.61 -1.67 17.77
N ALA B 55 34.41 -1.73 18.34
CA ALA B 55 33.27 -2.45 17.77
C ALA B 55 32.99 -1.98 16.33
N VAL B 56 33.05 -0.66 16.12
CA VAL B 56 32.97 -0.07 14.78
C VAL B 56 34.06 -0.67 13.87
N LYS B 57 35.32 -0.53 14.30
CA LYS B 57 36.46 -1.06 13.53
C LYS B 57 36.20 -2.53 13.18
N GLU B 58 35.87 -3.33 14.20
CA GLU B 58 35.67 -4.76 14.05
C GLU B 58 34.58 -5.11 13.03
N LEU B 59 33.44 -4.42 13.15
CA LEU B 59 32.27 -4.67 12.34
C LEU B 59 32.40 -4.34 10.84
N LYS B 60 33.06 -3.24 10.50
CA LYS B 60 33.35 -2.92 9.11
C LYS B 60 34.02 -4.09 8.38
N LYS B 61 34.86 -4.85 9.11
CA LYS B 61 35.57 -6.02 8.59
C LYS B 61 34.72 -7.31 8.47
N ASP B 62 33.84 -7.58 9.44
CA ASP B 62 32.94 -8.76 9.39
C ASP B 62 32.42 -8.96 7.96
N PRO B 63 32.43 -10.22 7.45
CA PRO B 63 32.22 -10.35 6.01
C PRO B 63 30.73 -10.36 5.62
N SER B 64 29.88 -10.47 6.62
CA SER B 64 28.44 -10.39 6.41
C SER B 64 27.99 -8.93 6.25
N VAL B 65 28.68 -8.01 6.95
CA VAL B 65 28.36 -6.57 6.99
C VAL B 65 28.63 -5.82 5.66
N ALA B 66 27.70 -4.93 5.28
CA ALA B 66 27.83 -4.07 4.10
C ALA B 66 28.35 -2.70 4.46
N TYR B 67 28.04 -2.22 5.67
CA TYR B 67 28.48 -0.89 6.13
C TYR B 67 28.13 -0.66 7.59
N VAL B 68 28.75 0.38 8.15
CA VAL B 68 28.35 0.92 9.45
C VAL B 68 28.34 2.44 9.34
N GLU B 69 27.18 3.07 9.56
CA GLU B 69 27.15 4.55 9.57
C GLU B 69 26.51 5.11 10.83
N GLU B 70 26.72 6.39 11.06
CA GLU B 70 26.14 7.07 12.20
C GLU B 70 24.62 7.14 12.09
N ASP B 71 23.98 7.10 13.25
CA ASP B 71 22.58 7.21 13.30
C ASP B 71 22.33 8.68 13.55
N HIS B 72 22.31 9.43 12.44
CA HIS B 72 22.22 10.89 12.50
C HIS B 72 21.00 11.40 13.24
N ILE B 73 21.01 12.70 13.46
CA ILE B 73 19.95 13.34 14.16
C ILE B 73 19.23 14.21 13.12
N ALA B 74 17.89 14.25 13.23
CA ALA B 74 17.10 15.08 12.37
C ALA B 74 16.31 15.96 13.25
N HIS B 75 15.84 17.07 12.71
CA HIS B 75 15.04 18.05 13.49
C HIS B 75 13.76 18.43 12.69
N GLU B 76 12.70 18.81 13.39
CA GLU B 76 11.54 19.49 12.77
C GLU B 76 11.87 20.84 12.21
N TYR B 77 11.35 21.15 11.02
CA TYR B 77 11.76 22.31 10.24
C TYR B 77 10.75 23.41 10.41
N GLY B 78 10.40 23.67 11.66
CA GLY B 78 9.41 24.72 11.98
C GLY B 78 9.65 25.40 13.34
N LYS B 79 9.41 26.71 13.43
CA LYS B 79 9.61 27.47 14.68
C LYS B 79 8.38 28.29 14.92
N PRO B 80 8.03 28.50 16.20
CA PRO B 80 6.93 29.37 16.58
C PRO B 80 7.13 30.82 16.13
N SER B 81 6.05 31.59 16.08
CA SER B 81 6.11 32.90 15.53
C SER B 81 5.10 33.88 16.17
N TRP B 82 4.00 33.41 16.75
CA TRP B 82 2.97 34.33 17.26
C TRP B 82 3.42 35.08 18.55
N GLY B 85 -1.96 33.39 22.02
CA GLY B 85 -2.91 33.71 23.08
C GLY B 85 -3.79 32.54 23.49
N GLY B 86 -4.38 32.62 24.68
CA GLY B 86 -5.61 31.90 25.04
C GLY B 86 -6.60 33.06 25.07
N SER B 87 -7.66 33.02 25.88
CA SER B 87 -8.27 31.80 26.41
C SER B 87 -9.43 31.59 25.46
N THR B 88 -9.27 30.51 24.71
CA THR B 88 -9.99 30.13 23.51
C THR B 88 -11.46 29.92 23.91
N GLN B 89 -12.26 29.22 23.11
CA GLN B 89 -11.95 28.87 21.74
C GLN B 89 -12.36 30.00 20.81
N PRO B 90 -11.52 30.29 19.82
CA PRO B 90 -11.89 31.22 18.72
C PRO B 90 -12.97 30.66 17.82
N ALA B 91 -13.84 31.53 17.36
CA ALA B 91 -14.72 31.14 16.28
C ALA B 91 -13.83 30.61 15.12
N GLN B 92 -14.33 29.59 14.39
CA GLN B 92 -13.56 29.03 13.28
C GLN B 92 -13.18 30.02 12.17
N SER B 93 -11.90 30.06 11.85
CA SER B 93 -11.43 30.81 10.68
C SER B 93 -10.54 29.98 9.78
N VAL B 94 -10.36 30.46 8.55
CA VAL B 94 -9.70 29.68 7.53
C VAL B 94 -8.37 30.33 7.27
N PRO B 95 -7.27 29.70 7.74
CA PRO B 95 -5.97 30.28 7.55
C PRO B 95 -5.70 30.44 6.08
N TYR B 96 -4.97 31.50 5.76
CA TYR B 96 -4.81 31.96 4.39
C TYR B 96 -4.21 30.86 3.52
N GLY B 97 -3.32 30.03 4.05
CA GLY B 97 -2.65 29.02 3.20
C GLY B 97 -3.61 28.00 2.57
N ILE B 98 -4.66 27.65 3.32
CA ILE B 98 -5.72 26.78 2.84
C ILE B 98 -6.41 27.41 1.63
N SER B 99 -6.73 28.70 1.70
CA SER B 99 -7.33 29.39 0.53
C SER B 99 -6.28 29.50 -0.59
N GLN B 100 -5.03 29.72 -0.19
CA GLN B 100 -4.00 29.95 -1.15
C GLN B 100 -3.85 28.78 -2.12
N ILE B 101 -3.92 27.55 -1.62
CA ILE B 101 -3.72 26.41 -2.47
C ILE B 101 -5.03 25.92 -3.13
N LYS B 102 -6.14 26.61 -2.84
CA LYS B 102 -7.45 26.42 -3.44
C LYS B 102 -8.21 25.19 -2.91
N ALA B 103 -7.93 24.86 -1.66
CA ALA B 103 -8.58 23.78 -1.02
C ALA B 103 -10.06 23.99 -0.83
N PRO B 104 -10.53 25.25 -0.55
CA PRO B 104 -11.98 25.44 -0.28
C PRO B 104 -12.89 25.09 -1.45
N ALA B 105 -12.32 25.16 -2.62
CA ALA B 105 -13.07 24.81 -3.81
C ALA B 105 -13.38 23.32 -3.74
N LEU B 106 -12.41 22.47 -3.36
CA LEU B 106 -12.72 21.05 -3.18
C LEU B 106 -13.76 20.81 -2.11
N HIS B 107 -13.60 21.51 -1.00
CA HIS B 107 -14.51 21.41 0.12
C HIS B 107 -15.91 21.69 -0.38
N SER B 108 -16.07 22.74 -1.20
CA SER B 108 -17.40 23.10 -1.78
C SER B 108 -18.01 21.99 -2.62
N GLN B 109 -17.16 21.31 -3.39
CA GLN B 109 -17.56 20.22 -4.25
C GLN B 109 -17.94 19.01 -3.38
N GLY B 110 -17.74 19.04 -2.05
CA GLY B 110 -17.95 17.87 -1.18
C GLY B 110 -16.76 16.94 -0.81
N TYR B 111 -15.57 17.22 -1.36
CA TYR B 111 -14.36 16.41 -1.09
C TYR B 111 -13.51 16.97 0.08
N THR B 112 -13.26 16.17 1.10
CA THR B 112 -12.60 16.72 2.26
C THR B 112 -11.53 15.77 2.87
N GLY B 113 -11.04 14.83 2.06
CA GLY B 113 -10.08 13.83 2.52
C GLY B 113 -10.65 12.63 3.27
N SER B 114 -11.96 12.40 3.18
CA SER B 114 -12.58 11.21 3.82
C SER B 114 -11.86 9.91 3.50
N ASN B 115 -11.71 9.04 4.49
CA ASN B 115 -11.11 7.70 4.32
C ASN B 115 -9.66 7.68 3.85
N VAL B 116 -8.98 8.80 3.95
CA VAL B 116 -7.56 8.86 3.60
C VAL B 116 -6.72 8.79 4.86
N LYS B 117 -5.80 7.85 4.88
CA LYS B 117 -5.00 7.63 6.07
C LYS B 117 -3.66 8.40 5.98
N VAL B 118 -3.50 9.33 6.89
CA VAL B 118 -2.30 10.20 6.84
C VAL B 118 -1.49 10.00 8.09
N ALA B 119 -0.24 9.53 7.89
CA ALA B 119 0.71 9.39 8.98
C ALA B 119 1.45 10.74 9.16
N VAL B 120 1.19 11.37 10.30
CA VAL B 120 1.96 12.58 10.69
C VAL B 120 3.23 12.14 11.42
N ILE B 121 4.33 12.00 10.70
CA ILE B 121 5.57 11.53 11.27
C ILE B 121 6.33 12.71 11.85
N ASP B 122 6.17 12.94 13.15
CA ASP B 122 6.64 14.16 13.73
C ASP B 122 6.79 13.98 15.24
N SER B 123 6.50 15.03 16.01
CA SER B 123 6.67 15.00 17.46
C SER B 123 5.42 14.54 18.23
N GLY B 124 4.46 13.93 17.55
CA GLY B 124 3.23 13.53 18.18
C GLY B 124 2.11 14.47 17.82
N ILE B 125 0.94 14.21 18.38
CA ILE B 125 -0.22 15.03 18.13
C ILE B 125 -1.05 14.99 19.38
N ASP B 126 -1.51 16.17 19.82
CA ASP B 126 -2.33 16.25 21.02
C ASP B 126 -3.74 15.75 20.71
N SER B 127 -3.99 14.47 20.97
CA SER B 127 -5.29 13.91 20.68
C SER B 127 -6.43 14.57 21.49
N SER B 128 -6.08 15.29 22.55
CA SER B 128 -7.02 15.97 23.42
C SER B 128 -7.57 17.27 22.81
N HIS B 129 -7.00 17.69 21.67
CA HIS B 129 -7.36 18.96 21.07
C HIS B 129 -8.77 18.91 20.44
N PRO B 130 -9.67 19.80 20.89
CA PRO B 130 -11.01 19.83 20.29
C PRO B 130 -11.05 20.04 18.78
N ASP B 131 -9.95 20.49 18.15
CA ASP B 131 -10.02 20.71 16.70
C ASP B 131 -9.32 19.60 15.92
N LEU B 132 -8.94 18.53 16.59
CA LEU B 132 -8.30 17.42 15.93
C LEU B 132 -9.03 16.11 16.22
N ASN B 133 -9.02 15.21 15.23
CA ASN B 133 -9.31 13.78 15.38
C ASN B 133 -8.10 12.96 15.08
N VAL B 134 -7.55 12.28 16.09
CA VAL B 134 -6.45 11.33 15.88
C VAL B 134 -7.00 9.88 15.91
N ARG B 135 -6.84 9.13 14.83
CA ARG B 135 -7.42 7.78 14.77
C ARG B 135 -6.53 6.71 15.42
N GLY B 136 -5.24 6.97 15.57
CA GLY B 136 -4.28 6.01 16.10
C GLY B 136 -2.83 6.45 15.91
N GLY B 137 -1.92 5.48 15.88
CA GLY B 137 -0.49 5.80 15.80
C GLY B 137 0.40 5.08 16.77
N ALA B 138 1.68 5.51 16.86
CA ALA B 138 2.70 4.85 17.70
C ALA B 138 3.90 5.75 17.87
N SER B 139 4.63 5.53 18.97
CA SER B 139 5.85 6.27 19.27
C SER B 139 7.10 5.45 19.10
N PHE B 140 8.11 6.07 18.51
CA PHE B 140 9.38 5.37 18.38
C PHE B 140 10.47 6.13 19.10
N VAL B 141 10.05 7.00 20.01
CA VAL B 141 11.00 7.75 20.83
C VAL B 141 11.10 7.07 22.16
N PRO B 142 12.22 6.39 22.40
CA PRO B 142 12.29 5.44 23.53
C PRO B 142 11.90 6.02 24.85
N SER B 143 12.15 7.31 25.05
CA SER B 143 11.93 7.92 26.33
C SER B 143 10.59 8.66 26.45
N GLU B 144 9.85 8.74 25.33
CA GLU B 144 8.47 9.30 25.33
C GLU B 144 7.58 8.38 24.49
N THR B 145 6.91 7.46 25.18
CA THR B 145 6.32 6.29 24.52
C THR B 145 4.86 6.49 24.14
N ASN B 146 4.29 7.62 24.53
CA ASN B 146 2.93 7.94 24.19
C ASN B 146 2.86 8.85 22.94
N PRO B 147 2.47 8.31 21.75
CA PRO B 147 2.46 9.20 20.57
C PRO B 147 1.42 10.30 20.67
N TYR B 148 0.50 10.19 21.61
CA TYR B 148 -0.55 11.21 21.82
C TYR B 148 -0.13 12.37 22.72
N GLN B 149 1.10 12.35 23.22
CA GLN B 149 1.65 13.52 23.87
C GLN B 149 2.78 14.10 23.05
N ASP B 150 2.74 15.41 22.93
CA ASP B 150 3.58 16.12 21.99
C ASP B 150 4.15 17.24 22.85
N GLY B 151 5.40 17.08 23.27
CA GLY B 151 6.03 18.12 24.07
C GLY B 151 6.67 19.22 23.22
N SER B 152 7.09 18.86 22.01
CA SER B 152 7.62 19.81 21.06
C SER B 152 6.61 20.81 20.51
N SER B 153 5.35 20.43 20.39
CA SER B 153 4.31 21.34 19.88
C SER B 153 4.36 21.61 18.37
N HIS B 154 5.18 20.85 17.65
CA HIS B 154 5.33 20.94 16.20
C HIS B 154 4.36 19.93 15.46
N GLY B 155 4.20 18.71 15.97
CA GLY B 155 3.40 17.70 15.25
C GLY B 155 1.91 18.01 15.25
N THR B 156 1.47 18.67 16.32
CA THR B 156 0.08 19.07 16.50
C THR B 156 -0.26 20.19 15.56
N HIS B 157 0.72 21.04 15.31
CA HIS B 157 0.55 22.14 14.39
C HIS B 157 0.41 21.67 12.93
N VAL B 158 1.35 20.84 12.51
CA VAL B 158 1.31 20.15 11.21
C VAL B 158 -0.05 19.42 11.03
N ALA B 159 -0.42 18.67 12.06
CA ALA B 159 -1.65 17.86 12.01
C ALA B 159 -2.83 18.78 11.74
N GLY B 160 -2.85 19.93 12.36
CA GLY B 160 -3.97 20.84 12.14
C GLY B 160 -4.00 21.47 10.76
N THR B 161 -2.84 21.65 10.11
CA THR B 161 -2.80 22.12 8.75
C THR B 161 -3.36 21.04 7.79
N ILE B 162 -3.07 19.78 8.07
CA ILE B 162 -3.68 18.66 7.31
C ILE B 162 -5.16 18.52 7.58
N ALA B 163 -5.59 18.54 8.85
CA ALA B 163 -6.95 18.12 9.15
C ALA B 163 -7.64 18.75 10.33
N ALA B 164 -7.37 19.99 10.68
CA ALA B 164 -8.17 20.56 11.75
C ALA B 164 -9.58 20.44 11.23
N LEU B 165 -10.52 20.13 12.12
CA LEU B 165 -11.87 19.81 11.77
C LEU B 165 -12.72 21.00 11.35
N ASN B 166 -13.62 20.74 10.47
CA ASN B 166 -14.62 21.71 10.04
C ASN B 166 -15.75 21.78 11.06
N ASN B 167 -15.75 22.84 11.84
CA ASN B 167 -16.72 22.97 12.91
C ASN B 167 -16.80 24.46 13.23
N SER B 168 -17.06 24.78 14.48
CA SER B 168 -17.33 26.16 14.82
C SER B 168 -16.12 26.79 15.46
N ILE B 169 -15.07 26.01 15.70
CA ILE B 169 -13.91 26.52 16.41
C ILE B 169 -12.59 26.44 15.64
N GLY B 170 -11.63 27.22 16.11
CA GLY B 170 -10.25 27.02 15.70
C GLY B 170 -9.98 27.30 14.24
N VAL B 171 -9.39 26.32 13.57
CA VAL B 171 -9.06 26.47 12.17
C VAL B 171 -9.72 25.39 11.33
N LEU B 172 -9.15 25.17 10.15
CA LEU B 172 -9.72 24.23 9.17
C LEU B 172 -8.54 23.70 8.43
N GLY B 173 -8.35 22.38 8.44
CA GLY B 173 -7.29 21.76 7.67
C GLY B 173 -7.51 21.76 6.15
N VAL B 174 -6.46 21.44 5.41
CA VAL B 174 -6.62 21.28 3.95
C VAL B 174 -7.62 20.14 3.68
N SER B 175 -7.53 19.05 4.45
CA SER B 175 -8.38 17.88 4.26
C SER B 175 -9.02 17.51 5.62
N PRO B 176 -10.03 18.29 6.04
CA PRO B 176 -10.56 18.20 7.40
C PRO B 176 -11.25 16.88 7.74
N SER B 177 -11.54 16.03 6.75
CA SER B 177 -12.11 14.73 7.07
C SER B 177 -11.01 13.60 7.09
N ALA B 178 -9.77 13.90 6.72
CA ALA B 178 -8.71 12.87 6.65
C ALA B 178 -8.49 12.12 7.98
N SER B 179 -8.02 10.87 7.91
CA SER B 179 -7.71 10.09 9.14
C SER B 179 -6.31 10.39 9.58
N LEU B 180 -6.17 10.93 10.78
CA LEU B 180 -4.87 11.32 11.32
C LEU B 180 -4.28 10.23 12.18
N TYR B 181 -3.06 9.84 11.85
CA TYR B 181 -2.26 8.97 12.69
C TYR B 181 -0.99 9.63 13.19
N ALA B 182 -0.77 9.54 14.50
CA ALA B 182 0.35 10.15 15.16
C ALA B 182 1.54 9.16 15.21
N VAL B 183 2.53 9.35 14.36
CA VAL B 183 3.73 8.51 14.33
C VAL B 183 4.88 9.37 14.89
N LYS B 184 5.09 9.25 16.22
CA LYS B 184 6.03 10.05 17.01
C LYS B 184 7.46 9.55 16.88
N VAL B 185 8.30 10.32 16.17
CA VAL B 185 9.68 9.98 15.93
C VAL B 185 10.66 11.06 16.47
N LEU B 186 10.11 12.10 17.09
CA LEU B 186 10.95 13.18 17.61
C LEU B 186 10.49 13.48 19.00
N ASP B 187 11.45 13.88 19.84
CA ASP B 187 11.20 14.10 21.26
C ASP B 187 10.77 15.49 21.57
N SER B 188 10.60 15.80 22.84
CA SER B 188 10.21 17.14 23.28
C SER B 188 11.07 18.30 22.77
N THR B 189 12.29 18.04 22.30
CA THR B 189 13.09 19.12 21.66
C THR B 189 12.90 19.28 20.13
N GLY B 190 12.15 18.35 19.51
CA GLY B 190 11.91 18.35 18.09
C GLY B 190 13.02 17.63 17.37
N SER B 191 13.77 16.83 18.10
CA SER B 191 14.85 16.09 17.49
C SER B 191 14.59 14.58 17.57
N GLY B 192 15.13 13.85 16.62
CA GLY B 192 15.09 12.42 16.74
C GLY B 192 16.15 11.76 15.95
N GLN B 193 16.43 10.52 16.33
CA GLN B 193 17.44 9.73 15.60
C GLN B 193 16.84 9.24 14.30
N TYR B 194 17.64 9.12 13.27
CA TYR B 194 17.23 8.60 12.02
C TYR B 194 16.54 7.24 12.20
N SER B 195 17.05 6.44 13.14
CA SER B 195 16.54 5.13 13.31
C SER B 195 15.10 5.22 13.86
N TRP B 196 14.79 6.21 14.68
CA TRP B 196 13.41 6.34 15.15
C TRP B 196 12.48 6.72 13.99
N ILE B 197 13.02 7.54 13.07
CA ILE B 197 12.30 8.05 11.95
C ILE B 197 12.00 6.93 11.00
N ILE B 198 13.00 6.08 10.73
CA ILE B 198 12.84 4.90 9.93
C ILE B 198 11.83 3.95 10.53
N ASN B 199 11.90 3.69 11.84
CA ASN B 199 10.88 2.89 12.51
C ASN B 199 9.45 3.40 12.25
N GLY B 200 9.23 4.71 12.44
CA GLY B 200 8.04 5.46 12.02
C GLY B 200 7.56 5.22 10.57
N ILE B 201 8.48 5.29 9.61
CA ILE B 201 8.11 5.08 8.22
C ILE B 201 7.71 3.61 8.00
N GLU B 202 8.44 2.73 8.67
CA GLU B 202 8.09 1.33 8.58
C GLU B 202 6.71 1.08 9.18
N TRP B 203 6.36 1.76 10.26
CA TRP B 203 5.02 1.60 10.82
C TRP B 203 3.89 2.10 9.83
N ALA B 204 4.20 3.20 9.09
CA ALA B 204 3.23 3.69 8.15
C ALA B 204 3.11 2.68 7.01
N ILE B 205 4.21 2.07 6.59
CA ILE B 205 4.13 1.07 5.52
C ILE B 205 3.30 -0.12 6.04
N SER B 206 3.64 -0.62 7.23
CA SER B 206 2.97 -1.79 7.76
C SER B 206 1.49 -1.56 7.97
N ASN B 207 1.13 -0.34 8.41
CA ASN B 207 -0.25 -0.06 8.66
C ASN B 207 -1.02 0.54 7.50
N ASN B 208 -0.48 0.37 6.31
CA ASN B 208 -1.22 0.72 5.12
C ASN B 208 -1.71 2.19 5.08
N MET B 209 -0.86 3.12 5.49
CA MET B 209 -1.12 4.57 5.30
C MET B 209 -1.15 4.92 3.83
N ASP B 210 -1.89 5.96 3.51
CA ASP B 210 -1.95 6.51 2.12
C ASP B 210 -1.00 7.62 1.83
N VAL B 211 -0.72 8.41 2.86
CA VAL B 211 0.14 9.58 2.75
C VAL B 211 1.03 9.66 3.97
N ILE B 212 2.26 9.99 3.74
CA ILE B 212 3.10 10.28 4.84
C ILE B 212 3.48 11.73 4.81
N ASN B 213 3.40 12.38 5.95
CA ASN B 213 3.95 13.73 6.09
C ASN B 213 5.24 13.71 6.92
N MET B 214 6.33 14.22 6.36
CA MET B 214 7.56 14.33 7.13
C MET B 214 8.10 15.75 7.12
N SER B 215 7.77 16.52 8.14
CA SER B 215 8.15 17.92 8.24
C SER B 215 9.48 18.05 8.98
N LEU B 216 10.45 17.29 8.57
CA LEU B 216 11.64 17.18 9.38
C LEU B 216 12.77 16.66 8.51
N GLY B 217 14.00 16.81 8.98
CA GLY B 217 15.17 16.29 8.26
C GLY B 217 16.53 16.56 8.88
N GLY B 218 17.58 16.15 8.18
CA GLY B 218 18.93 16.35 8.65
C GLY B 218 19.74 16.56 7.39
N PRO B 219 20.97 17.13 7.53
CA PRO B 219 21.79 17.44 6.33
C PRO B 219 22.41 16.20 5.72
N THR B 220 22.71 15.19 6.54
CA THR B 220 23.48 14.04 6.03
C THR B 220 22.54 12.90 5.66
N GLY B 221 22.90 12.19 4.59
CA GLY B 221 22.10 11.12 4.05
C GLY B 221 22.28 9.84 4.85
N SER B 222 21.53 8.80 4.46
CA SER B 222 21.52 7.52 5.18
C SER B 222 20.98 6.45 4.28
N THR B 223 21.77 5.40 4.09
CA THR B 223 21.42 4.35 3.17
C THR B 223 20.07 3.69 3.52
N ALA B 224 19.90 3.44 4.82
CA ALA B 224 18.69 2.81 5.35
C ALA B 224 17.49 3.76 5.28
N LEU B 225 17.77 5.05 5.40
CA LEU B 225 16.71 6.02 5.41
C LEU B 225 16.13 6.01 3.99
N LYS B 226 17.01 5.93 3.00
CA LYS B 226 16.61 5.95 1.62
C LYS B 226 15.88 4.65 1.22
N THR B 227 16.48 3.52 1.52
CA THR B 227 15.77 2.29 1.25
C THR B 227 14.30 2.37 1.76
N VAL B 228 14.09 2.78 3.01
CA VAL B 228 12.75 2.77 3.52
C VAL B 228 11.79 3.80 2.90
N VAL B 229 12.24 5.03 2.66
CA VAL B 229 11.36 5.97 1.96
C VAL B 229 11.12 5.50 0.54
N ASP B 230 12.11 4.87 -0.10
CA ASP B 230 11.84 4.29 -1.41
C ASP B 230 10.76 3.22 -1.33
N LYS B 231 10.83 2.44 -0.24
CA LYS B 231 9.89 1.33 -0.10
C LYS B 231 8.49 1.81 0.16
N ALA B 232 8.35 2.82 1.00
CA ALA B 232 7.05 3.44 1.23
C ALA B 232 6.42 3.90 -0.07
N VAL B 233 7.21 4.46 -0.97
CA VAL B 233 6.71 5.03 -2.19
C VAL B 233 6.32 3.87 -3.16
N SER B 234 7.16 2.82 -3.23
CA SER B 234 6.80 1.64 -4.03
C SER B 234 5.53 0.98 -3.54
N SER B 235 5.23 1.00 -2.24
CA SER B 235 3.94 0.47 -1.74
C SER B 235 2.77 1.41 -1.94
N GLY B 236 3.01 2.61 -2.49
CA GLY B 236 1.89 3.40 -2.99
C GLY B 236 1.55 4.54 -2.07
N ILE B 237 2.46 4.79 -1.14
CA ILE B 237 2.38 5.91 -0.24
C ILE B 237 2.88 7.22 -0.89
N VAL B 238 2.07 8.30 -0.85
CA VAL B 238 2.56 9.63 -1.25
C VAL B 238 3.42 10.13 -0.10
N VAL B 239 4.65 10.51 -0.40
CA VAL B 239 5.51 11.02 0.68
C VAL B 239 5.87 12.47 0.44
N ALA B 240 5.38 13.32 1.32
CA ALA B 240 5.77 14.73 1.36
C ALA B 240 6.81 14.97 2.45
N ALA B 241 7.90 15.64 2.07
CA ALA B 241 9.01 15.88 3.01
C ALA B 241 9.47 17.36 2.94
N ALA B 242 9.59 17.98 4.11
CA ALA B 242 9.98 19.40 4.14
C ALA B 242 11.41 19.53 3.61
N ALA B 243 11.63 20.52 2.74
CA ALA B 243 12.93 20.72 2.08
C ALA B 243 14.07 21.12 3.06
N GLY B 244 13.76 21.79 4.18
CA GLY B 244 14.79 22.27 5.08
C GLY B 244 14.71 23.80 5.16
N ASN B 245 15.22 24.37 6.24
CA ASN B 245 15.15 25.78 6.54
C ASN B 245 16.56 26.33 6.52
N GLU B 246 17.38 25.85 5.60
CA GLU B 246 18.78 26.16 5.61
C GLU B 246 19.10 27.35 4.68
N GLY B 247 18.09 27.97 4.11
CA GLY B 247 18.31 29.10 3.22
C GLY B 247 19.08 28.69 1.99
N SER B 248 19.45 29.67 1.17
CA SER B 248 20.29 29.39 0.01
C SER B 248 21.74 29.68 0.37
N SER B 249 22.64 29.04 -0.35
CA SER B 249 24.08 29.17 -0.16
C SER B 249 24.68 28.95 -1.55
N GLY B 250 24.63 29.99 -2.37
CA GLY B 250 25.15 29.95 -3.73
C GLY B 250 24.40 28.97 -4.59
N SER B 251 25.13 27.97 -5.13
CA SER B 251 24.59 26.98 -6.07
C SER B 251 24.59 25.56 -5.47
N THR B 252 25.04 25.50 -4.21
CA THR B 252 24.96 24.30 -3.38
C THR B 252 23.51 24.01 -2.95
N SER B 253 23.01 22.79 -3.22
CA SER B 253 21.72 22.39 -2.67
C SER B 253 21.81 22.35 -1.16
N THR B 254 20.82 22.91 -0.47
CA THR B 254 20.73 22.89 0.97
C THR B 254 19.43 22.15 1.41
N VAL B 255 18.90 21.31 0.52
CA VAL B 255 17.75 20.49 0.80
C VAL B 255 18.11 19.36 1.80
N GLY B 256 17.33 19.26 2.85
CA GLY B 256 17.53 18.18 3.80
C GLY B 256 17.15 16.79 3.29
N TYR B 257 17.48 15.80 4.14
CA TYR B 257 17.04 14.43 4.02
C TYR B 257 15.94 14.19 5.03
N PRO B 258 14.92 13.43 4.65
CA PRO B 258 14.78 12.67 3.40
C PRO B 258 14.36 13.43 2.13
N ALA B 259 14.01 14.71 2.24
CA ALA B 259 13.52 15.49 1.07
C ALA B 259 14.38 15.44 -0.19
N LYS B 260 15.69 15.25 -0.03
CA LYS B 260 16.63 15.20 -1.13
C LYS B 260 16.40 13.99 -1.99
N TYR B 261 15.72 13.00 -1.41
CA TYR B 261 15.47 11.77 -2.16
C TYR B 261 14.40 12.02 -3.19
N PRO B 262 14.67 11.64 -4.43
CA PRO B 262 13.71 11.83 -5.53
C PRO B 262 12.39 11.14 -5.29
N SER B 263 12.36 10.11 -4.45
CA SER B 263 11.07 9.45 -4.26
C SER B 263 10.08 10.31 -3.44
N THR B 264 10.60 11.26 -2.67
CA THR B 264 9.80 12.14 -1.88
C THR B 264 9.49 13.36 -2.75
N ILE B 265 8.37 14.02 -2.43
CA ILE B 265 8.08 15.36 -2.91
C ILE B 265 8.68 16.35 -1.90
N ALA B 266 9.76 17.04 -2.29
CA ALA B 266 10.44 18.00 -1.39
C ALA B 266 9.65 19.29 -1.47
N VAL B 267 9.17 19.80 -0.33
CA VAL B 267 8.35 20.99 -0.33
C VAL B 267 9.08 22.21 0.32
N GLY B 268 9.10 23.38 -0.35
CA GLY B 268 9.68 24.63 0.20
C GLY B 268 8.57 25.59 0.62
N ALA B 269 8.98 26.76 1.16
CA ALA B 269 8.06 27.74 1.73
C ALA B 269 7.94 29.06 0.98
N VAL B 270 6.68 29.48 0.77
CA VAL B 270 6.40 30.84 0.33
C VAL B 270 5.43 31.45 1.34
N ASN B 271 5.20 32.77 1.26
CA ASN B 271 4.22 33.50 2.06
C ASN B 271 2.93 33.70 1.27
N SER B 272 2.00 34.44 1.86
CA SER B 272 0.71 34.72 1.31
C SER B 272 0.75 35.43 0.00
N SER B 273 1.91 35.95 -0.41
CA SER B 273 1.99 36.58 -1.73
C SER B 273 3.01 35.91 -2.66
N ASN B 274 3.31 34.64 -2.37
CA ASN B 274 4.00 33.71 -3.29
C ASN B 274 5.47 33.98 -3.36
N GLN B 275 5.97 34.67 -2.35
CA GLN B 275 7.38 34.96 -2.23
C GLN B 275 8.04 33.89 -1.36
N ARG B 276 9.04 33.23 -1.92
CA ARG B 276 9.89 32.33 -1.21
C ARG B 276 10.45 32.97 0.08
N ALA B 277 10.38 32.30 1.22
CA ALA B 277 10.97 32.89 2.41
C ALA B 277 12.43 32.60 2.36
N SER B 278 13.23 33.49 2.93
CA SER B 278 14.68 33.32 2.94
C SER B 278 15.25 32.06 3.56
N PHE B 279 14.53 31.53 4.55
CA PHE B 279 14.93 30.32 5.22
C PHE B 279 14.77 29.07 4.32
N SER B 280 13.99 29.19 3.24
CA SER B 280 13.62 28.01 2.51
C SER B 280 14.78 27.46 1.73
N SER B 281 15.09 26.18 1.96
CA SER B 281 16.15 25.50 1.25
C SER B 281 15.92 25.50 -0.24
N ALA B 282 17.03 25.30 -0.98
CA ALA B 282 17.06 25.43 -2.45
C ALA B 282 17.99 24.37 -3.00
N GLY B 283 17.70 23.85 -4.19
CA GLY B 283 18.47 22.78 -4.75
C GLY B 283 17.64 22.23 -5.86
N SER B 284 18.24 21.46 -6.76
CA SER B 284 17.46 20.85 -7.83
C SER B 284 16.46 19.80 -7.31
N GLU B 285 16.54 19.41 -6.02
CA GLU B 285 15.60 18.39 -5.47
C GLU B 285 14.25 18.94 -5.03
N LEU B 286 14.17 20.23 -4.72
CA LEU B 286 12.89 20.89 -4.54
C LEU B 286 11.87 20.50 -5.60
N ASP B 287 10.62 20.32 -5.21
CA ASP B 287 9.57 19.97 -6.16
C ASP B 287 8.40 20.95 -6.17
N VAL B 288 7.89 21.34 -5.01
CA VAL B 288 6.83 22.31 -4.98
C VAL B 288 6.99 23.27 -3.80
N MET B 289 6.21 24.33 -3.80
CA MET B 289 6.20 25.26 -2.69
C MET B 289 4.81 25.22 -2.18
N ALA B 290 4.65 25.57 -0.89
CA ALA B 290 3.33 25.77 -0.29
C ALA B 290 3.46 26.83 0.82
N PRO B 291 2.33 27.35 1.33
CA PRO B 291 2.46 28.38 2.36
C PRO B 291 3.24 27.90 3.60
N GLY B 292 4.37 28.55 3.89
CA GLY B 292 5.18 28.24 5.08
C GLY B 292 5.47 29.39 6.05
N VAL B 293 4.72 30.49 5.90
CA VAL B 293 4.99 31.72 6.65
C VAL B 293 3.77 32.17 7.43
N SER B 294 3.95 32.33 8.75
CA SER B 294 2.87 32.76 9.65
C SER B 294 1.67 31.83 9.50
N ILE B 295 1.95 30.55 9.62
CA ILE B 295 0.88 29.56 9.46
C ILE B 295 0.13 29.36 10.79
N GLN B 296 -1.11 29.81 10.83
CA GLN B 296 -1.98 29.55 11.98
C GLN B 296 -2.44 28.07 12.00
N SER B 297 -2.26 27.39 13.13
CA SER B 297 -2.73 26.01 13.23
C SER B 297 -2.93 25.67 14.71
N THR B 298 -3.37 24.43 14.94
CA THR B 298 -3.63 23.86 16.28
C THR B 298 -2.37 23.65 17.06
N LEU B 299 -2.38 24.02 18.34
CA LEU B 299 -1.21 23.73 19.22
C LEU B 299 -1.69 23.08 20.51
N PRO B 300 -0.80 22.36 21.23
CA PRO B 300 -1.33 21.52 22.34
C PRO B 300 -2.16 22.25 23.43
N GLY B 301 -3.22 21.61 23.91
CA GLY B 301 -4.13 22.23 24.86
C GLY B 301 -5.38 22.87 24.27
N GLY B 302 -5.58 22.71 22.97
CA GLY B 302 -6.72 23.40 22.33
C GLY B 302 -6.41 24.89 22.14
N THR B 303 -5.12 25.16 21.90
CA THR B 303 -4.63 26.51 21.54
C THR B 303 -4.32 26.57 20.05
N TYR B 304 -3.86 27.73 19.61
CA TYR B 304 -3.60 28.01 18.20
C TYR B 304 -2.52 29.09 18.16
N GLY B 305 -1.67 29.01 17.13
CA GLY B 305 -0.52 29.79 17.01
C GLY B 305 0.04 29.68 15.60
N ALA B 306 0.91 30.64 15.27
CA ALA B 306 1.47 30.75 13.97
C ALA B 306 2.92 30.28 13.97
N TYR B 307 3.25 29.50 12.95
CA TYR B 307 4.58 28.96 12.82
C TYR B 307 5.19 29.32 11.47
N ASN B 308 6.52 29.36 11.43
CA ASN B 308 7.20 29.48 10.17
C ASN B 308 8.01 28.23 9.88
N GLY B 309 8.07 27.83 8.61
CA GLY B 309 8.99 26.78 8.23
C GLY B 309 8.59 25.96 7.01
N THR B 310 9.55 25.28 6.39
CA THR B 310 9.15 24.30 5.42
C THR B 310 8.34 23.19 6.07
N ALA B 311 8.43 23.13 7.41
CA ALA B 311 7.61 22.16 8.13
C ALA B 311 6.17 22.48 8.12
N MET B 312 5.85 23.76 7.93
CA MET B 312 4.45 24.20 7.83
C MET B 312 3.91 24.08 6.38
N ALA B 313 4.82 24.15 5.41
CA ALA B 313 4.48 24.05 4.00
C ALA B 313 4.07 22.59 3.64
N THR B 314 4.90 21.65 4.08
CA THR B 314 4.72 20.24 3.83
C THR B 314 3.26 19.71 4.06
N PRO B 315 2.64 19.99 5.20
CA PRO B 315 1.28 19.45 5.37
C PRO B 315 0.24 20.01 4.40
N HIS B 316 0.55 21.14 3.75
CA HIS B 316 -0.35 21.71 2.80
C HIS B 316 -0.38 20.69 1.63
N VAL B 317 0.77 20.10 1.35
CA VAL B 317 0.91 19.13 0.30
C VAL B 317 0.30 17.74 0.64
N ALA B 318 0.63 17.23 1.84
CA ALA B 318 0.01 16.03 2.38
C ALA B 318 -1.53 16.18 2.39
N GLY B 319 -2.00 17.35 2.85
CA GLY B 319 -3.42 17.59 2.86
C GLY B 319 -4.00 17.57 1.43
N ALA B 320 -3.37 18.29 0.52
CA ALA B 320 -3.71 18.32 -0.89
C ALA B 320 -3.78 16.86 -1.46
N ALA B 321 -2.72 16.07 -1.31
CA ALA B 321 -2.78 14.69 -1.71
C ALA B 321 -4.02 13.98 -1.13
N ALA B 322 -4.36 14.21 0.15
CA ALA B 322 -5.46 13.49 0.69
C ALA B 322 -6.74 13.97 0.02
N LEU B 323 -6.84 15.28 -0.25
CA LEU B 323 -8.03 15.78 -0.92
C LEU B 323 -8.22 15.05 -2.24
N ILE B 324 -7.12 14.91 -2.98
CA ILE B 324 -7.18 14.34 -4.31
C ILE B 324 -7.60 12.88 -4.27
N LEU B 325 -7.11 12.15 -3.29
CA LEU B 325 -7.46 10.76 -3.17
C LEU B 325 -8.88 10.57 -2.72
N SER B 326 -9.41 11.47 -1.89
CA SER B 326 -10.81 11.23 -1.50
C SER B 326 -11.78 11.47 -2.70
N LYS B 327 -11.31 12.26 -3.68
CA LYS B 327 -12.08 12.48 -4.90
C LYS B 327 -11.78 11.39 -5.91
N HIS B 328 -10.50 11.00 -5.97
CA HIS B 328 -10.02 9.97 -6.88
C HIS B 328 -9.32 8.80 -6.16
N PRO B 329 -10.12 7.99 -5.44
CA PRO B 329 -9.47 7.01 -4.55
C PRO B 329 -8.72 5.96 -5.31
N THR B 330 -8.96 5.81 -6.62
CA THR B 330 -8.21 4.84 -7.44
C THR B 330 -6.91 5.38 -7.99
N TRP B 331 -6.73 6.70 -7.97
CA TRP B 331 -5.46 7.28 -8.40
C TRP B 331 -4.25 6.73 -7.60
N THR B 332 -3.17 6.40 -8.28
CA THR B 332 -1.96 5.98 -7.57
C THR B 332 -1.18 7.17 -7.04
N ASN B 333 -0.24 6.90 -6.13
CA ASN B 333 0.62 7.93 -5.57
C ASN B 333 1.35 8.65 -6.67
N ALA B 334 1.77 7.97 -7.71
CA ALA B 334 2.52 8.62 -8.81
C ALA B 334 1.59 9.58 -9.55
N GLN B 335 0.34 9.13 -9.73
CA GLN B 335 -0.63 9.98 -10.39
C GLN B 335 -0.96 11.24 -9.59
N VAL B 336 -0.99 11.10 -8.25
CA VAL B 336 -1.33 12.19 -7.37
C VAL B 336 -0.17 13.17 -7.42
N ARG B 337 1.05 12.62 -7.40
CA ARG B 337 2.25 13.42 -7.43
C ARG B 337 2.31 14.15 -8.75
N ASP B 338 2.17 13.43 -9.85
CA ASP B 338 2.20 14.05 -11.18
C ASP B 338 1.24 15.21 -11.30
N ARG B 339 0.03 15.04 -10.79
CA ARG B 339 -0.93 16.12 -10.83
C ARG B 339 -0.57 17.30 -9.97
N LEU B 340 0.00 17.05 -8.79
CA LEU B 340 0.39 18.15 -7.90
C LEU B 340 1.52 18.99 -8.48
N GLU B 341 2.36 18.34 -9.26
CA GLU B 341 3.50 18.95 -9.91
C GLU B 341 3.22 19.60 -11.25
N SER B 342 2.41 18.94 -12.09
CA SER B 342 2.15 19.45 -13.45
C SER B 342 1.17 20.60 -13.45
N THR B 343 0.34 20.72 -12.42
CA THR B 343 -0.61 21.81 -12.32
C THR B 343 -0.21 22.95 -11.38
N ALA B 344 1.02 22.92 -10.88
CA ALA B 344 1.50 23.96 -9.96
C ALA B 344 1.64 25.33 -10.66
N THR B 345 1.48 26.40 -9.88
CA THR B 345 1.60 27.71 -10.46
C THR B 345 3.05 28.05 -10.45
N TYR B 346 3.62 28.12 -11.65
CA TYR B 346 4.98 28.58 -11.87
C TYR B 346 5.34 29.87 -11.14
N LEU B 347 6.44 29.85 -10.40
CA LEU B 347 6.80 31.01 -9.57
C LEU B 347 8.18 31.51 -9.87
N GLY B 348 8.95 30.79 -10.66
CA GLY B 348 10.31 31.22 -10.94
C GLY B 348 11.28 30.07 -10.98
N ASN B 349 12.57 30.38 -10.97
CA ASN B 349 13.63 29.37 -11.12
C ASN B 349 13.38 28.15 -10.24
N SER B 350 13.37 26.97 -10.86
CA SER B 350 13.10 25.75 -10.10
C SER B 350 14.08 25.50 -8.93
N PHE B 351 15.25 26.18 -8.95
CA PHE B 351 16.28 25.97 -7.93
C PHE B 351 15.77 26.47 -6.64
N TYR B 352 14.91 27.50 -6.70
CA TYR B 352 14.35 28.17 -5.52
C TYR B 352 12.91 27.86 -5.27
N TYR B 353 12.17 27.56 -6.32
CA TYR B 353 10.75 27.43 -6.22
C TYR B 353 10.19 26.11 -6.65
N GLY B 354 11.06 25.16 -7.03
CA GLY B 354 10.64 23.93 -7.71
C GLY B 354 9.67 24.24 -8.84
N LYS B 355 8.59 23.51 -8.92
CA LYS B 355 7.64 23.70 -9.99
C LYS B 355 6.65 24.79 -9.62
N GLY B 356 6.81 25.39 -8.44
CA GLY B 356 5.90 26.46 -8.00
C GLY B 356 4.84 26.06 -6.96
N LEU B 357 3.83 26.92 -6.82
CA LEU B 357 2.85 26.77 -5.73
C LEU B 357 1.83 25.72 -6.13
N ILE B 358 1.60 24.73 -5.26
CA ILE B 358 0.59 23.73 -5.60
C ILE B 358 -0.78 24.40 -5.67
N ASN B 359 -1.59 23.80 -6.54
CA ASN B 359 -2.96 24.23 -6.79
C ASN B 359 -3.79 22.97 -6.72
N VAL B 360 -4.43 22.71 -5.60
CA VAL B 360 -5.13 21.44 -5.45
C VAL B 360 -6.48 21.37 -6.28
N GLN B 361 -7.11 22.52 -6.51
CA GLN B 361 -8.34 22.52 -7.31
C GLN B 361 -7.97 22.01 -8.71
N ALA B 362 -7.04 22.69 -9.36
CA ALA B 362 -6.59 22.18 -10.63
C ALA B 362 -6.01 20.73 -10.51
N ALA B 363 -5.37 20.37 -9.41
CA ALA B 363 -4.71 19.06 -9.40
C ALA B 363 -5.76 17.98 -9.32
N ALA B 364 -6.89 18.28 -8.68
CA ALA B 364 -7.97 17.32 -8.53
C ALA B 364 -8.98 17.35 -9.66
N GLN B 365 -8.69 18.11 -10.71
CA GLN B 365 -9.64 18.17 -11.83
C GLN B 365 -9.79 16.73 -12.34
#